data_7YQR
#
_entry.id   7YQR
#
_cell.length_a   115.950
_cell.length_b   115.950
_cell.length_c   317.750
_cell.angle_alpha   90.00
_cell.angle_beta   90.00
_cell.angle_gamma   120.00
#
_symmetry.space_group_name_H-M   'P 61 2 2'
#
loop_
_entity.id
_entity.type
_entity.pdbx_description
1 polymer 'Pre-B cell enhancing factor related protein'
2 non-polymer NICOTINAMIDE
3 water water
#
_entity_poly.entity_id   1
_entity_poly.type   'polypeptide(L)'
_entity_poly.pdbx_seq_one_letter_code
;MGSSHHHHHHSQGSMHYLDNLLLNTDSYKASHWLQYPPGTDASFFYVESRGGVYDQTAFFGLQSILKEAINRPVTHADID
DAKALLAAHGEPFNEAGWRDIVDRLGGQLPIRIRAVPEGCVVPTHNVLMTIESTDAKAFWVPSYLETLLLRVWYPVTVAT
VSWQVKQIVRDFLQRTSDDPEGQLPFKLHDFGARGVSSLGSAALGGAAHLVNFLGTDTLSALLLARAHYHTPVAGYSIPA
AEHSTITSWGREREVDAYRNMLTQFARPGAIVAVVSDSYDIYRAIREHWGTTLREEIIASGATVVIRPDSGDPVDVVEQC
LLLLDEAFGHQVNGKGYKVLNHVRVIQGDGINPQSLRAILERITAAGYAADNVAFGMGGALLQKVDRDTQKFALKCSAVR
VDGAWIDVYKDPITDQGKQSKRGRLTLLRDRATGQYRSALLDEVATHAGDSDDALVTVWENGQMLREWTLEQVRAHADAA
RL
;
_entity_poly.pdbx_strand_id   A,B
#
loop_
_chem_comp.id
_chem_comp.type
_chem_comp.name
_chem_comp.formula
NCA non-polymer NICOTINAMIDE 'C6 H6 N2 O'
#
# COMPACT_ATOMS: atom_id res chain seq x y z
N MET A 15 -8.26 -13.30 1.14
CA MET A 15 -8.88 -14.59 0.93
C MET A 15 -9.09 -15.32 2.27
N HIS A 16 -9.43 -16.61 2.19
CA HIS A 16 -9.88 -17.36 3.36
C HIS A 16 -8.86 -17.35 4.50
N TYR A 17 -7.55 -17.29 4.18
CA TYR A 17 -6.53 -17.41 5.21
C TYR A 17 -6.47 -16.19 6.13
N LEU A 18 -7.08 -15.06 5.76
CA LEU A 18 -7.13 -13.90 6.65
C LEU A 18 -8.48 -13.73 7.33
N ASP A 19 -9.37 -14.72 7.24
CA ASP A 19 -10.72 -14.60 7.78
C ASP A 19 -10.77 -15.01 9.26
N ASN A 20 -10.05 -14.25 10.08
CA ASN A 20 -10.15 -14.40 11.53
C ASN A 20 -9.90 -13.02 12.11
N LEU A 21 -10.98 -12.34 12.52
CA LEU A 21 -10.85 -11.00 13.09
C LEU A 21 -9.93 -10.99 14.30
N LEU A 22 -9.92 -12.05 15.09
CA LEU A 22 -9.08 -12.08 16.28
C LEU A 22 -7.60 -11.96 15.97
N LEU A 23 -7.18 -12.29 14.75
CA LEU A 23 -5.78 -12.16 14.38
C LEU A 23 -5.51 -10.94 13.53
N ASN A 24 -6.52 -10.09 13.32
CA ASN A 24 -6.35 -8.87 12.53
C ASN A 24 -6.03 -7.71 13.47
N THR A 25 -4.81 -7.75 13.99
CA THR A 25 -4.39 -6.79 15.01
C THR A 25 -2.89 -6.93 15.21
N ASP A 26 -2.30 -5.92 15.85
CA ASP A 26 -0.92 -6.01 16.30
C ASP A 26 -0.82 -7.01 17.44
N SER A 27 0.27 -7.78 17.46
CA SER A 27 0.47 -8.81 18.49
C SER A 27 0.27 -8.26 19.89
N TYR A 28 0.92 -7.13 20.19
CA TYR A 28 0.94 -6.68 21.58
C TYR A 28 -0.44 -6.27 22.09
N LYS A 29 -1.39 -6.02 21.18
CA LYS A 29 -2.74 -5.65 21.59
C LYS A 29 -3.50 -6.84 22.16
N ALA A 30 -3.08 -8.06 21.85
CA ALA A 30 -3.74 -9.23 22.42
C ALA A 30 -3.59 -9.26 23.93
N SER A 31 -2.44 -8.79 24.44
CA SER A 31 -2.18 -8.76 25.88
C SER A 31 -2.81 -7.55 26.56
N HIS A 32 -3.38 -6.63 25.79
CA HIS A 32 -3.70 -5.30 26.31
C HIS A 32 -4.69 -5.33 27.46
N TRP A 33 -5.69 -6.22 27.42
CA TRP A 33 -6.74 -6.19 28.42
C TRP A 33 -6.19 -6.38 29.83
N LEU A 34 -5.00 -6.96 29.98
CA LEU A 34 -4.39 -7.12 31.28
C LEU A 34 -3.80 -5.83 31.84
N GLN A 35 -3.77 -4.75 31.06
CA GLN A 35 -3.07 -3.55 31.46
C GLN A 35 -3.98 -2.47 32.01
N TYR A 36 -5.30 -2.70 31.99
CA TYR A 36 -6.25 -1.74 32.51
C TYR A 36 -6.30 -1.80 34.05
N PRO A 37 -6.66 -0.68 34.69
CA PRO A 37 -6.85 -0.71 36.15
C PRO A 37 -7.98 -1.64 36.54
N PRO A 38 -7.97 -2.15 37.77
CA PRO A 38 -9.10 -2.99 38.23
C PRO A 38 -10.38 -2.18 38.24
N GLY A 39 -11.49 -2.87 38.02
CA GLY A 39 -12.79 -2.22 38.03
C GLY A 39 -13.12 -1.40 36.79
N THR A 40 -12.25 -1.41 35.77
CA THR A 40 -12.58 -0.75 34.52
C THR A 40 -13.77 -1.44 33.85
N ASP A 41 -14.72 -0.64 33.36
CA ASP A 41 -15.83 -1.25 32.65
C ASP A 41 -16.35 -0.46 31.45
N ALA A 42 -15.59 0.51 30.93
CA ALA A 42 -15.92 1.14 29.66
C ALA A 42 -14.70 1.90 29.13
N SER A 43 -14.68 2.10 27.81
CA SER A 43 -13.58 2.81 27.18
C SER A 43 -14.13 3.58 25.98
N PHE A 44 -13.42 4.64 25.61
CA PHE A 44 -13.90 5.57 24.59
C PHE A 44 -12.70 6.10 23.82
N PHE A 45 -12.74 5.96 22.50
CA PHE A 45 -11.66 6.35 21.60
C PHE A 45 -12.20 7.27 20.51
N TYR A 46 -11.32 8.09 19.94
CA TYR A 46 -11.66 8.90 18.77
C TYR A 46 -10.51 8.86 17.77
N VAL A 47 -10.84 9.25 16.53
CA VAL A 47 -9.89 9.31 15.43
C VAL A 47 -9.81 10.76 14.94
N GLU A 48 -8.60 11.21 14.61
CA GLU A 48 -8.45 12.53 14.02
C GLU A 48 -7.20 12.58 13.16
N SER A 49 -7.18 13.55 12.25
CA SER A 49 -5.93 14.00 11.64
C SER A 49 -5.32 15.07 12.52
N ARG A 50 -4.05 14.87 12.88
CA ARG A 50 -3.33 15.82 13.73
C ARG A 50 -2.56 16.85 12.92
N GLY A 51 -2.93 17.07 11.65
CA GLY A 51 -2.16 17.97 10.81
C GLY A 51 -1.54 17.25 9.63
N GLY A 52 -0.50 17.82 9.02
CA GLY A 52 0.20 17.18 7.92
C GLY A 52 0.13 18.04 6.66
N VAL A 53 0.05 17.37 5.51
CA VAL A 53 0.23 18.07 4.25
C VAL A 53 -0.89 19.09 4.02
N TYR A 54 -2.14 18.70 4.28
CA TYR A 54 -3.29 19.52 3.98
C TYR A 54 -4.04 19.90 5.26
N ASP A 55 -4.77 21.03 5.21
CA ASP A 55 -5.51 21.56 6.35
C ASP A 55 -6.88 20.90 6.55
N GLN A 56 -7.33 20.08 5.61
CA GLN A 56 -8.63 19.43 5.74
C GLN A 56 -8.57 18.07 5.07
N THR A 57 -9.42 17.14 5.52
CA THR A 57 -9.43 15.79 4.97
C THR A 57 -10.84 15.40 4.55
N ALA A 58 -10.93 14.72 3.41
CA ALA A 58 -12.17 14.09 2.97
C ALA A 58 -12.29 12.74 3.65
N PHE A 59 -13.31 12.58 4.49
CA PHE A 59 -13.47 11.34 5.23
C PHE A 59 -14.12 10.27 4.34
N PHE A 60 -13.46 9.12 4.23
CA PHE A 60 -13.97 8.08 3.35
C PHE A 60 -13.35 6.73 3.73
N GLY A 61 -14.13 5.66 3.61
CA GLY A 61 -13.59 4.31 3.58
C GLY A 61 -13.98 3.46 4.77
N LEU A 62 -14.49 4.08 5.84
CA LEU A 62 -14.84 3.33 7.04
C LEU A 62 -15.88 2.27 6.74
N GLN A 63 -16.87 2.60 5.91
CA GLN A 63 -17.92 1.65 5.56
C GLN A 63 -17.36 0.38 4.90
N SER A 64 -16.40 0.52 3.99
CA SER A 64 -15.74 -0.64 3.40
C SER A 64 -14.99 -1.44 4.46
N ILE A 65 -14.24 -0.74 5.32
CA ILE A 65 -13.44 -1.42 6.34
C ILE A 65 -14.32 -2.27 7.24
N LEU A 66 -15.47 -1.72 7.66
CA LEU A 66 -16.37 -2.44 8.55
C LEU A 66 -17.06 -3.60 7.86
N LYS A 67 -17.50 -3.40 6.61
CA LYS A 67 -18.14 -4.49 5.88
C LYS A 67 -17.15 -5.62 5.62
N GLU A 68 -15.90 -5.28 5.30
CA GLU A 68 -14.93 -6.32 5.03
C GLU A 68 -14.24 -6.84 6.29
N ALA A 69 -13.83 -5.99 7.24
CA ALA A 69 -13.10 -6.55 8.36
C ALA A 69 -14.01 -7.20 9.41
N ILE A 70 -15.29 -6.78 9.51
CA ILE A 70 -16.21 -7.39 10.47
C ILE A 70 -17.41 -7.95 9.73
N ASN A 71 -17.21 -9.06 9.02
CA ASN A 71 -18.24 -9.50 8.09
C ASN A 71 -19.11 -10.62 8.64
N ARG A 72 -18.80 -11.14 9.81
CA ARG A 72 -19.58 -12.20 10.42
C ARG A 72 -19.32 -12.17 11.92
N PRO A 73 -20.13 -12.89 12.71
CA PRO A 73 -19.82 -13.01 14.14
C PRO A 73 -18.55 -13.82 14.38
N VAL A 74 -17.86 -13.48 15.48
CA VAL A 74 -16.73 -14.28 15.94
C VAL A 74 -17.24 -15.65 16.39
N THR A 75 -16.45 -16.69 16.11
CA THR A 75 -16.82 -18.06 16.43
C THR A 75 -15.83 -18.70 17.40
N HIS A 76 -16.26 -19.82 17.97
CA HIS A 76 -15.37 -20.64 18.78
C HIS A 76 -14.18 -21.16 17.96
N ALA A 77 -14.38 -21.44 16.68
CA ALA A 77 -13.25 -21.84 15.82
C ALA A 77 -12.23 -20.72 15.68
N ASP A 78 -12.70 -19.47 15.55
CA ASP A 78 -11.78 -18.33 15.55
C ASP A 78 -10.94 -18.31 16.82
N ILE A 79 -11.57 -18.57 17.97
CA ILE A 79 -10.87 -18.51 19.24
C ILE A 79 -9.86 -19.65 19.36
N ASP A 80 -10.22 -20.86 18.94
CA ASP A 80 -9.28 -21.98 18.96
C ASP A 80 -8.03 -21.64 18.17
N ASP A 81 -8.23 -21.18 16.94
CA ASP A 81 -7.14 -20.86 16.03
C ASP A 81 -6.27 -19.73 16.59
N ALA A 82 -6.88 -18.67 17.10
CA ALA A 82 -6.11 -17.56 17.67
C ALA A 82 -5.35 -17.98 18.93
N LYS A 83 -5.99 -18.76 19.78
CA LYS A 83 -5.34 -19.23 21.01
C LYS A 83 -4.05 -19.98 20.68
N ALA A 84 -4.13 -20.92 19.73
CA ALA A 84 -2.97 -21.73 19.38
C ALA A 84 -1.86 -20.87 18.77
N LEU A 85 -2.21 -19.98 17.84
CA LEU A 85 -1.19 -19.20 17.17
C LEU A 85 -0.53 -18.23 18.12
N LEU A 86 -1.31 -17.54 18.96
CA LEU A 86 -0.74 -16.51 19.81
C LEU A 86 0.16 -17.13 20.89
N ALA A 87 -0.21 -18.31 21.39
CA ALA A 87 0.65 -18.97 22.37
C ALA A 87 1.96 -19.43 21.74
N ALA A 88 1.92 -19.94 20.51
CA ALA A 88 3.17 -20.30 19.84
C ALA A 88 4.00 -19.06 19.47
N HIS A 89 3.32 -17.94 19.16
CA HIS A 89 3.98 -16.72 18.73
C HIS A 89 4.61 -15.97 19.91
N GLY A 90 4.03 -16.10 21.11
CA GLY A 90 4.58 -15.44 22.27
C GLY A 90 3.69 -14.45 23.00
N GLU A 91 2.39 -14.40 22.69
CA GLU A 91 1.54 -13.40 23.30
C GLU A 91 0.45 -14.05 24.15
N PRO A 92 0.09 -13.44 25.27
CA PRO A 92 -1.09 -13.92 26.01
C PRO A 92 -2.36 -13.61 25.24
N PHE A 93 -3.40 -14.39 25.50
CA PHE A 93 -4.64 -14.33 24.75
C PHE A 93 -5.81 -14.49 25.71
N ASN A 94 -6.80 -13.60 25.61
CA ASN A 94 -7.93 -13.61 26.55
C ASN A 94 -9.00 -14.58 26.05
N GLU A 95 -8.68 -15.88 26.16
CA GLU A 95 -9.61 -16.90 25.69
C GLU A 95 -10.97 -16.77 26.36
N ALA A 96 -10.97 -16.59 27.69
CA ALA A 96 -12.22 -16.54 28.43
C ALA A 96 -13.06 -15.33 28.03
N GLY A 97 -12.41 -14.17 27.85
CA GLY A 97 -13.13 -12.99 27.41
C GLY A 97 -13.77 -13.17 26.05
N TRP A 98 -13.05 -13.78 25.11
CA TRP A 98 -13.60 -13.97 23.78
C TRP A 98 -14.68 -15.06 23.78
N ARG A 99 -14.53 -16.08 24.62
CA ARG A 99 -15.60 -17.08 24.68
C ARG A 99 -16.87 -16.49 25.25
N ASP A 100 -16.75 -15.56 26.20
CA ASP A 100 -17.92 -14.86 26.73
C ASP A 100 -18.61 -14.06 25.63
N ILE A 101 -17.84 -13.36 24.80
CA ILE A 101 -18.42 -12.62 23.69
C ILE A 101 -19.17 -13.57 22.75
N VAL A 102 -18.63 -14.76 22.53
CA VAL A 102 -19.28 -15.69 21.62
C VAL A 102 -20.53 -16.30 22.27
N ASP A 103 -20.40 -16.74 23.53
CA ASP A 103 -21.51 -17.48 24.14
C ASP A 103 -22.63 -16.56 24.62
N ARG A 104 -22.29 -15.37 25.11
CA ARG A 104 -23.28 -14.46 25.67
C ARG A 104 -23.78 -13.45 24.64
N LEU A 105 -22.92 -12.97 23.75
CA LEU A 105 -23.26 -11.88 22.84
C LEU A 105 -23.37 -12.35 21.40
N GLY A 106 -23.53 -13.65 21.18
CA GLY A 106 -23.66 -14.17 19.82
C GLY A 106 -22.48 -13.89 18.93
N GLY A 107 -21.31 -13.61 19.49
CA GLY A 107 -20.15 -13.29 18.69
C GLY A 107 -20.17 -11.90 18.10
N GLN A 108 -21.08 -11.03 18.54
CA GLN A 108 -21.23 -9.69 17.99
C GLN A 108 -20.42 -8.71 18.84
N LEU A 109 -19.57 -7.92 18.19
CA LEU A 109 -18.66 -7.06 18.94
C LEU A 109 -19.43 -6.01 19.69
N PRO A 110 -19.22 -5.87 21.00
CA PRO A 110 -19.96 -4.87 21.80
C PRO A 110 -19.31 -3.49 21.72
N ILE A 111 -19.50 -2.83 20.57
CA ILE A 111 -18.96 -1.49 20.35
C ILE A 111 -19.99 -0.67 19.57
N ARG A 112 -19.90 0.64 19.73
CA ARG A 112 -20.68 1.60 18.95
C ARG A 112 -19.70 2.52 18.24
N ILE A 113 -19.86 2.65 16.93
CA ILE A 113 -18.99 3.50 16.11
C ILE A 113 -19.84 4.62 15.51
N ARG A 114 -19.42 5.86 15.75
CA ARG A 114 -20.03 7.03 15.14
C ARG A 114 -18.99 7.71 14.27
N ALA A 115 -19.44 8.32 13.18
CA ALA A 115 -18.52 8.88 12.21
C ALA A 115 -19.19 10.02 11.47
N VAL A 116 -18.38 10.92 10.95
CA VAL A 116 -18.93 11.97 10.07
C VAL A 116 -19.36 11.33 8.76
N PRO A 117 -20.43 11.78 8.10
CA PRO A 117 -20.85 11.16 6.85
C PRO A 117 -19.73 11.12 5.82
N GLU A 118 -19.55 9.97 5.18
CA GLU A 118 -18.42 9.84 4.27
C GLU A 118 -18.57 10.82 3.12
N GLY A 119 -17.47 11.44 2.73
CA GLY A 119 -17.46 12.49 1.75
C GLY A 119 -17.34 13.88 2.34
N CYS A 120 -17.75 14.06 3.60
CA CYS A 120 -17.59 15.36 4.23
C CYS A 120 -16.10 15.71 4.34
N VAL A 121 -15.79 16.99 4.17
CA VAL A 121 -14.42 17.49 4.23
C VAL A 121 -14.30 18.30 5.52
N VAL A 122 -13.42 17.84 6.41
CA VAL A 122 -13.37 18.33 7.79
C VAL A 122 -11.97 18.88 8.05
N PRO A 123 -11.84 20.07 8.62
CA PRO A 123 -10.51 20.56 9.01
C PRO A 123 -9.83 19.61 9.97
N THR A 124 -8.50 19.65 9.96
CA THR A 124 -7.72 18.78 10.82
C THR A 124 -7.96 19.12 12.29
N HIS A 125 -7.45 18.24 13.15
CA HIS A 125 -7.57 18.36 14.60
C HIS A 125 -9.01 18.24 15.06
N ASN A 126 -9.82 17.46 14.34
CA ASN A 126 -11.23 17.29 14.69
C ASN A 126 -11.59 15.81 14.74
N VAL A 127 -12.47 15.47 15.68
CA VAL A 127 -13.04 14.15 15.82
C VAL A 127 -13.71 13.73 14.50
N LEU A 128 -13.16 12.70 13.85
CA LEU A 128 -13.76 12.12 12.65
C LEU A 128 -14.60 10.88 12.96
N MET A 129 -14.22 10.11 13.97
CA MET A 129 -14.97 8.95 14.39
C MET A 129 -14.76 8.81 15.88
N THR A 130 -15.69 8.12 16.53
CA THR A 130 -15.53 7.67 17.90
C THR A 130 -15.91 6.21 17.97
N ILE A 131 -15.32 5.50 18.94
CA ILE A 131 -15.59 4.10 19.21
C ILE A 131 -15.76 3.93 20.71
N GLU A 132 -16.87 3.33 21.12
CA GLU A 132 -17.20 3.19 22.53
C GLU A 132 -17.63 1.77 22.82
N SER A 133 -17.16 1.22 23.96
CA SER A 133 -17.64 -0.08 24.42
C SER A 133 -19.11 0.00 24.80
N THR A 134 -19.84 -1.10 24.57
CA THR A 134 -21.24 -1.20 24.96
C THR A 134 -21.52 -2.32 25.97
N ASP A 135 -20.48 -2.93 26.53
CA ASP A 135 -20.67 -4.05 27.46
C ASP A 135 -19.63 -3.94 28.57
N ALA A 136 -20.09 -4.04 29.81
CA ALA A 136 -19.23 -3.78 30.96
C ALA A 136 -18.09 -4.79 31.04
N LYS A 137 -18.37 -6.06 30.78
CA LYS A 137 -17.31 -7.07 30.94
C LYS A 137 -16.33 -7.03 29.77
N ALA A 138 -16.83 -6.77 28.57
CA ALA A 138 -15.98 -6.71 27.38
C ALA A 138 -15.64 -5.27 27.01
N PHE A 139 -15.18 -4.49 28.00
CA PHE A 139 -14.82 -3.09 27.78
C PHE A 139 -13.61 -2.91 26.89
N TRP A 140 -12.76 -3.94 26.75
CA TRP A 140 -11.46 -3.85 26.11
C TRP A 140 -11.52 -4.02 24.59
N VAL A 141 -12.70 -4.28 24.02
CA VAL A 141 -12.78 -4.57 22.59
C VAL A 141 -12.34 -3.38 21.73
N PRO A 142 -12.69 -2.13 22.04
CA PRO A 142 -12.27 -1.03 21.15
C PRO A 142 -10.78 -0.99 20.91
N SER A 143 -9.98 -1.12 21.96
CA SER A 143 -8.54 -1.08 21.75
C SER A 143 -8.07 -2.24 20.90
N TYR A 144 -8.77 -3.39 20.97
CA TYR A 144 -8.39 -4.55 20.16
C TYR A 144 -8.51 -4.26 18.66
N LEU A 145 -9.45 -3.40 18.28
CA LEU A 145 -9.70 -3.07 16.88
C LEU A 145 -8.90 -1.88 16.38
N GLU A 146 -8.00 -1.34 17.19
CA GLU A 146 -7.28 -0.13 16.79
C GLU A 146 -6.55 -0.32 15.48
N THR A 147 -5.91 -1.49 15.30
CA THR A 147 -5.08 -1.71 14.13
C THR A 147 -5.91 -1.64 12.85
N LEU A 148 -7.02 -2.38 12.79
CA LEU A 148 -7.77 -2.39 11.54
C LEU A 148 -8.52 -1.07 11.35
N LEU A 149 -8.98 -0.45 12.44
CA LEU A 149 -9.71 0.81 12.30
C LEU A 149 -8.79 1.95 11.87
N LEU A 150 -7.58 2.00 12.43
CA LEU A 150 -6.67 3.10 12.11
C LEU A 150 -6.24 3.10 10.66
N ARG A 151 -6.29 1.95 9.97
CA ARG A 151 -5.98 1.94 8.54
C ARG A 151 -7.01 2.73 7.70
N VAL A 152 -8.03 3.31 8.33
CA VAL A 152 -8.88 4.27 7.64
C VAL A 152 -8.08 5.49 7.20
N TRP A 153 -6.88 5.70 7.77
CA TRP A 153 -6.00 6.74 7.24
C TRP A 153 -5.82 6.62 5.75
N TYR A 154 -5.86 5.40 5.21
CA TYR A 154 -5.46 5.25 3.81
C TYR A 154 -6.53 5.77 2.86
N PRO A 155 -7.76 5.26 2.91
CA PRO A 155 -8.77 5.83 1.99
C PRO A 155 -9.05 7.30 2.29
N VAL A 156 -8.98 7.72 3.55
CA VAL A 156 -9.12 9.14 3.87
C VAL A 156 -8.05 9.93 3.14
N THR A 157 -6.80 9.47 3.22
CA THR A 157 -5.70 10.25 2.66
C THR A 157 -5.76 10.23 1.13
N VAL A 158 -6.12 9.10 0.53
CA VAL A 158 -6.26 9.07 -0.94
C VAL A 158 -7.44 9.94 -1.37
N ALA A 159 -8.58 9.84 -0.69
CA ALA A 159 -9.72 10.71 -1.05
C ALA A 159 -9.34 12.17 -0.93
N THR A 160 -8.55 12.50 0.10
CA THR A 160 -8.10 13.86 0.32
C THR A 160 -7.17 14.34 -0.80
N VAL A 161 -6.19 13.53 -1.19
CA VAL A 161 -5.28 13.94 -2.27
C VAL A 161 -6.06 14.20 -3.55
N SER A 162 -6.96 13.28 -3.90
CA SER A 162 -7.76 13.44 -5.11
C SER A 162 -8.67 14.67 -5.01
N TRP A 163 -9.20 14.94 -3.81
CA TRP A 163 -10.09 16.09 -3.62
C TRP A 163 -9.31 17.40 -3.74
N GLN A 164 -8.10 17.45 -3.16
CA GLN A 164 -7.25 18.63 -3.30
C GLN A 164 -6.88 18.91 -4.75
N VAL A 165 -6.56 17.85 -5.51
CA VAL A 165 -6.29 18.04 -6.93
C VAL A 165 -7.52 18.58 -7.64
N LYS A 166 -8.70 18.07 -7.28
CA LYS A 166 -9.93 18.53 -7.91
C LYS A 166 -10.12 20.03 -7.72
N GLN A 167 -9.86 20.54 -6.52
CA GLN A 167 -9.99 21.98 -6.29
C GLN A 167 -9.05 22.78 -7.18
N ILE A 168 -7.84 22.26 -7.42
CA ILE A 168 -6.91 22.93 -8.33
C ILE A 168 -7.46 22.94 -9.75
N VAL A 169 -7.86 21.77 -10.27
CA VAL A 169 -8.37 21.70 -11.63
C VAL A 169 -9.62 22.56 -11.77
N ARG A 170 -10.48 22.56 -10.75
CA ARG A 170 -11.72 23.33 -10.79
C ARG A 170 -11.43 24.82 -10.93
N ASP A 171 -10.45 25.31 -10.17
CA ASP A 171 -10.07 26.71 -10.25
C ASP A 171 -9.73 27.11 -11.68
N PHE A 172 -8.88 26.33 -12.34
CA PHE A 172 -8.47 26.67 -13.70
C PHE A 172 -9.60 26.47 -14.72
N LEU A 173 -10.48 25.49 -14.51
CA LEU A 173 -11.62 25.34 -15.41
C LEU A 173 -12.61 26.50 -15.22
N GLN A 174 -12.78 26.96 -13.98
CA GLN A 174 -13.64 28.10 -13.74
C GLN A 174 -13.10 29.33 -14.45
N ARG A 175 -11.78 29.45 -14.54
CA ARG A 175 -11.16 30.60 -15.20
C ARG A 175 -11.18 30.50 -16.72
N THR A 176 -11.12 29.28 -17.29
CA THR A 176 -10.80 29.14 -18.71
C THR A 176 -11.77 28.30 -19.52
N SER A 177 -12.78 27.68 -18.91
CA SER A 177 -13.66 26.75 -19.60
C SER A 177 -15.09 27.29 -19.64
N ASP A 178 -15.81 26.98 -20.73
CA ASP A 178 -17.22 27.35 -20.78
C ASP A 178 -18.10 26.37 -20.01
N ASP A 179 -17.61 25.17 -19.69
CA ASP A 179 -18.39 24.18 -18.93
C ASP A 179 -17.50 23.56 -17.87
N PRO A 180 -17.20 24.32 -16.81
CA PRO A 180 -16.23 23.81 -15.80
C PRO A 180 -16.68 22.53 -15.13
N GLU A 181 -17.91 22.47 -14.67
CA GLU A 181 -18.35 21.30 -13.92
C GLU A 181 -18.67 20.13 -14.83
N GLY A 182 -18.89 20.37 -16.12
CA GLY A 182 -19.02 19.26 -17.05
C GLY A 182 -17.68 18.65 -17.46
N GLN A 183 -16.62 19.45 -17.43
CA GLN A 183 -15.29 18.94 -17.77
C GLN A 183 -14.64 18.25 -16.56
N LEU A 184 -14.80 18.84 -15.38
CA LEU A 184 -14.07 18.46 -14.18
C LEU A 184 -14.03 16.96 -13.88
N PRO A 185 -15.14 16.21 -13.91
CA PRO A 185 -15.12 14.80 -13.48
C PRO A 185 -14.20 13.90 -14.28
N PHE A 186 -13.71 14.34 -15.44
CA PHE A 186 -12.89 13.50 -16.30
C PHE A 186 -11.43 13.92 -16.34
N LYS A 187 -10.99 14.81 -15.44
CA LYS A 187 -9.70 15.44 -15.60
C LYS A 187 -8.56 14.77 -14.82
N LEU A 188 -8.87 13.91 -13.85
CA LEU A 188 -7.85 13.13 -13.13
C LEU A 188 -8.25 11.66 -13.22
N HIS A 189 -7.43 10.88 -13.92
CA HIS A 189 -7.69 9.47 -14.20
C HIS A 189 -6.73 8.59 -13.39
N ASP A 190 -7.27 7.61 -12.66
CA ASP A 190 -6.44 6.72 -11.86
C ASP A 190 -5.71 5.70 -12.74
N PHE A 191 -4.36 5.76 -12.74
CA PHE A 191 -3.50 4.78 -13.41
C PHE A 191 -2.76 3.87 -12.42
N GLY A 192 -3.17 3.83 -11.16
CA GLY A 192 -2.29 3.30 -10.14
C GLY A 192 -2.35 1.82 -9.78
N ALA A 193 -3.15 1.00 -10.46
CA ALA A 193 -3.37 -0.37 -10.02
C ALA A 193 -2.06 -1.19 -9.99
N ARG A 194 -1.17 -0.98 -10.98
CA ARG A 194 0.12 -1.68 -10.98
C ARG A 194 1.12 -1.12 -9.98
N GLY A 195 0.92 0.11 -9.51
CA GLY A 195 1.87 0.83 -8.66
C GLY A 195 1.53 0.82 -7.18
N VAL A 196 0.48 0.12 -6.77
CA VAL A 196 0.05 0.05 -5.39
C VAL A 196 0.43 -1.31 -4.81
N SER A 197 0.38 -1.44 -3.48
CA SER A 197 1.04 -2.55 -2.81
C SER A 197 0.23 -3.84 -2.80
N SER A 198 -1.06 -3.80 -3.08
CA SER A 198 -1.86 -5.02 -3.10
C SER A 198 -3.18 -4.76 -3.82
N LEU A 199 -3.88 -5.87 -4.11
CA LEU A 199 -5.21 -5.80 -4.73
C LEU A 199 -6.22 -5.10 -3.82
N GLY A 200 -6.23 -5.42 -2.53
CA GLY A 200 -7.15 -4.74 -1.62
C GLY A 200 -6.91 -3.24 -1.53
N SER A 201 -5.64 -2.83 -1.58
CA SER A 201 -5.30 -1.42 -1.57
C SER A 201 -5.72 -0.74 -2.87
N ALA A 202 -5.52 -1.43 -4.00
CA ALA A 202 -6.00 -0.92 -5.28
C ALA A 202 -7.50 -0.68 -5.25
N ALA A 203 -8.25 -1.63 -4.71
CA ALA A 203 -9.70 -1.51 -4.67
C ALA A 203 -10.12 -0.34 -3.78
N LEU A 204 -9.59 -0.26 -2.56
CA LEU A 204 -10.05 0.76 -1.62
C LEU A 204 -9.46 2.14 -1.94
N GLY A 205 -8.17 2.21 -2.24
CA GLY A 205 -7.58 3.45 -2.74
C GLY A 205 -8.23 3.92 -4.03
N GLY A 206 -8.47 3.01 -4.97
CA GLY A 206 -9.11 3.42 -6.21
C GLY A 206 -10.50 3.97 -5.98
N ALA A 207 -11.25 3.35 -5.07
CA ALA A 207 -12.57 3.84 -4.73
C ALA A 207 -12.50 5.22 -4.08
N ALA A 208 -11.43 5.49 -3.33
CA ALA A 208 -11.27 6.80 -2.72
C ALA A 208 -11.08 7.89 -3.78
N HIS A 209 -10.41 7.56 -4.88
CA HIS A 209 -10.30 8.51 -5.97
C HIS A 209 -11.66 8.77 -6.61
N LEU A 210 -12.47 7.72 -6.76
CA LEU A 210 -13.80 7.81 -7.34
C LEU A 210 -14.77 8.65 -6.50
N VAL A 211 -14.41 8.99 -5.26
CA VAL A 211 -15.17 9.98 -4.50
C VAL A 211 -15.23 11.29 -5.27
N ASN A 212 -14.19 11.60 -6.04
CA ASN A 212 -14.02 12.91 -6.63
C ASN A 212 -14.13 12.94 -8.14
N PHE A 213 -13.87 11.82 -8.83
CA PHE A 213 -13.77 11.82 -10.29
C PHE A 213 -14.45 10.59 -10.85
N LEU A 214 -14.75 10.62 -12.15
CA LEU A 214 -15.42 9.49 -12.80
C LEU A 214 -14.47 8.55 -13.52
N GLY A 215 -13.23 8.96 -13.79
CA GLY A 215 -12.35 8.21 -14.69
C GLY A 215 -11.36 7.35 -13.91
N THR A 216 -11.30 6.06 -14.26
CA THR A 216 -10.38 5.13 -13.60
C THR A 216 -10.05 3.96 -14.51
N ASP A 217 -8.78 3.54 -14.48
CA ASP A 217 -8.40 2.25 -15.02
C ASP A 217 -8.30 1.16 -13.95
N THR A 218 -8.60 1.49 -12.70
CA THR A 218 -8.47 0.53 -11.62
C THR A 218 -9.80 -0.21 -11.48
N LEU A 219 -9.96 -1.27 -12.27
CA LEU A 219 -11.19 -2.06 -12.24
C LEU A 219 -11.52 -2.54 -10.84
N SER A 220 -10.51 -2.82 -10.01
CA SER A 220 -10.77 -3.27 -8.64
C SER A 220 -11.60 -2.25 -7.86
N ALA A 221 -11.48 -0.97 -8.19
CA ALA A 221 -12.25 0.05 -7.48
C ALA A 221 -13.74 -0.07 -7.83
N LEU A 222 -14.06 -0.39 -9.09
CA LEU A 222 -15.45 -0.64 -9.46
C LEU A 222 -16.03 -1.82 -8.68
N LEU A 223 -15.22 -2.85 -8.45
CA LEU A 223 -15.73 -4.01 -7.73
C LEU A 223 -16.03 -3.66 -6.28
N LEU A 224 -15.18 -2.84 -5.66
CA LEU A 224 -15.42 -2.47 -4.26
C LEU A 224 -16.61 -1.51 -4.15
N ALA A 225 -16.69 -0.52 -5.04
CA ALA A 225 -17.80 0.41 -5.03
C ALA A 225 -19.13 -0.33 -5.18
N ARG A 226 -19.13 -1.38 -6.01
CA ARG A 226 -20.33 -2.17 -6.24
C ARG A 226 -20.67 -3.03 -5.04
N ALA A 227 -19.65 -3.54 -4.33
CA ALA A 227 -19.90 -4.45 -3.23
C ALA A 227 -20.16 -3.72 -1.92
N HIS A 228 -19.52 -2.57 -1.71
CA HIS A 228 -19.56 -1.91 -0.42
C HIS A 228 -20.28 -0.57 -0.43
N TYR A 229 -20.41 0.07 -1.58
CA TYR A 229 -21.07 1.37 -1.65
C TYR A 229 -22.24 1.38 -2.64
N HIS A 230 -22.85 0.22 -2.91
CA HIS A 230 -24.12 0.13 -3.61
C HIS A 230 -24.10 0.78 -4.99
N THR A 231 -22.95 0.77 -5.66
CA THR A 231 -22.81 1.46 -6.95
C THR A 231 -22.36 0.50 -8.04
N PRO A 232 -23.27 0.08 -8.93
CA PRO A 232 -22.92 -0.96 -9.92
C PRO A 232 -21.79 -0.59 -10.86
N VAL A 233 -21.73 0.64 -11.35
CA VAL A 233 -20.67 1.03 -12.28
C VAL A 233 -20.19 2.41 -11.91
N ALA A 234 -19.21 2.47 -11.00
CA ALA A 234 -18.84 3.73 -10.37
C ALA A 234 -18.06 4.65 -11.29
N GLY A 235 -17.39 4.12 -12.31
CA GLY A 235 -16.59 4.97 -13.16
C GLY A 235 -16.38 4.36 -14.53
N TYR A 236 -15.65 5.09 -15.37
CA TYR A 236 -15.56 4.80 -16.79
C TYR A 236 -14.13 4.92 -17.28
N SER A 237 -13.86 4.33 -18.44
CA SER A 237 -12.59 4.51 -19.11
C SER A 237 -12.80 4.37 -20.61
N ILE A 238 -11.70 4.36 -21.35
CA ILE A 238 -11.70 4.32 -22.81
C ILE A 238 -10.65 3.33 -23.29
N PRO A 239 -10.74 2.89 -24.55
CA PRO A 239 -9.65 2.11 -25.14
C PRO A 239 -8.40 2.96 -25.21
N ALA A 240 -7.24 2.33 -24.97
CA ALA A 240 -5.98 3.07 -24.96
C ALA A 240 -4.83 2.15 -25.38
N ALA A 241 -3.88 2.71 -26.12
CA ALA A 241 -2.74 1.95 -26.61
C ALA A 241 -1.68 1.76 -25.53
N GLU A 242 -1.00 0.62 -25.61
CA GLU A 242 0.20 0.33 -24.86
C GLU A 242 1.39 0.58 -25.77
N HIS A 243 2.37 1.35 -25.30
CA HIS A 243 3.47 1.75 -26.19
C HIS A 243 4.22 0.54 -26.70
N SER A 244 4.41 -0.46 -25.84
CA SER A 244 5.13 -1.67 -26.25
C SER A 244 4.46 -2.33 -27.44
N THR A 245 3.12 -2.48 -27.39
CA THR A 245 2.43 -3.14 -28.49
C THR A 245 2.48 -2.30 -29.77
N ILE A 246 2.56 -0.97 -29.64
CA ILE A 246 2.84 -0.14 -30.81
C ILE A 246 4.18 -0.52 -31.43
N THR A 247 5.24 -0.54 -30.61
CA THR A 247 6.58 -0.79 -31.13
C THR A 247 6.68 -2.16 -31.80
N SER A 248 5.90 -3.14 -31.33
CA SER A 248 5.95 -4.50 -31.85
C SER A 248 5.50 -4.63 -33.29
N TRP A 249 4.84 -3.62 -33.85
CA TRP A 249 4.61 -3.62 -35.29
C TRP A 249 5.89 -3.40 -36.08
N GLY A 250 6.96 -2.96 -35.42
CA GLY A 250 8.16 -2.53 -36.12
C GLY A 250 8.11 -1.06 -36.49
N ARG A 251 9.29 -0.50 -36.73
CA ARG A 251 9.39 0.94 -36.99
C ARG A 251 8.77 1.32 -38.32
N GLU A 252 8.80 0.40 -39.30
CA GLU A 252 8.28 0.73 -40.62
C GLU A 252 6.75 0.80 -40.65
N ARG A 253 6.06 -0.02 -39.86
CA ARG A 253 4.61 0.00 -39.79
C ARG A 253 4.10 0.73 -38.54
N GLU A 254 4.96 1.52 -37.90
CA GLU A 254 4.56 2.28 -36.71
C GLU A 254 3.30 3.09 -36.98
N VAL A 255 3.25 3.77 -38.12
CA VAL A 255 2.07 4.55 -38.48
C VAL A 255 0.85 3.64 -38.59
N ASP A 256 1.04 2.42 -39.11
CA ASP A 256 -0.10 1.51 -39.27
C ASP A 256 -0.63 1.01 -37.93
N ALA A 257 0.21 0.94 -36.90
CA ALA A 257 -0.30 0.60 -35.57
C ALA A 257 -1.25 1.67 -35.06
N TYR A 258 -0.90 2.94 -35.27
CA TYR A 258 -1.81 4.01 -34.85
C TYR A 258 -3.09 4.01 -35.69
N ARG A 259 -2.94 3.75 -37.00
CA ARG A 259 -4.13 3.62 -37.85
C ARG A 259 -5.04 2.49 -37.38
N ASN A 260 -4.45 1.35 -36.97
CA ASN A 260 -5.27 0.27 -36.43
C ASN A 260 -6.05 0.73 -35.19
N MET A 261 -5.44 1.56 -34.33
CA MET A 261 -6.18 2.07 -33.18
C MET A 261 -7.44 2.82 -33.63
N LEU A 262 -7.32 3.60 -34.69
CA LEU A 262 -8.49 4.31 -35.19
C LEU A 262 -9.52 3.32 -35.75
N THR A 263 -9.07 2.39 -36.57
CA THR A 263 -9.96 1.38 -37.15
C THR A 263 -10.76 0.67 -36.06
N GLN A 264 -10.11 0.27 -34.97
CA GLN A 264 -10.78 -0.53 -33.95
C GLN A 264 -11.74 0.30 -33.13
N PHE A 265 -11.36 1.54 -32.78
CA PHE A 265 -12.04 2.26 -31.71
C PHE A 265 -12.56 3.64 -32.08
N ALA A 266 -12.12 4.25 -33.17
CA ALA A 266 -12.49 5.62 -33.47
C ALA A 266 -13.85 5.64 -34.16
N ARG A 267 -14.88 6.07 -33.44
CA ARG A 267 -16.23 6.26 -33.93
C ARG A 267 -16.71 7.64 -33.51
N PRO A 268 -17.70 8.21 -34.21
CA PRO A 268 -18.24 9.50 -33.78
C PRO A 268 -18.82 9.40 -32.38
N GLY A 269 -18.42 10.33 -31.52
CA GLY A 269 -18.78 10.29 -30.12
C GLY A 269 -17.87 9.45 -29.25
N ALA A 270 -17.02 8.61 -29.83
CA ALA A 270 -16.10 7.78 -29.08
C ALA A 270 -14.82 8.54 -28.75
N ILE A 271 -14.14 8.08 -27.70
CA ILE A 271 -12.86 8.65 -27.27
C ILE A 271 -11.85 7.50 -27.22
N VAL A 272 -10.65 7.74 -27.76
CA VAL A 272 -9.60 6.73 -27.78
C VAL A 272 -8.26 7.41 -27.50
N ALA A 273 -7.40 6.74 -26.73
CA ALA A 273 -6.12 7.33 -26.31
C ALA A 273 -4.95 6.63 -27.02
N VAL A 274 -3.99 7.42 -27.49
CA VAL A 274 -2.79 6.91 -28.12
C VAL A 274 -1.60 7.43 -27.35
N VAL A 275 -0.61 6.56 -27.15
CA VAL A 275 0.63 6.92 -26.47
C VAL A 275 1.72 7.04 -27.53
N SER A 276 2.60 8.01 -27.35
CA SER A 276 3.75 8.18 -28.24
C SER A 276 4.84 8.93 -27.49
N ASP A 277 6.09 8.68 -27.87
CA ASP A 277 7.13 9.53 -27.33
C ASP A 277 7.00 10.93 -27.92
N SER A 278 7.55 11.92 -27.20
CA SER A 278 7.37 13.32 -27.61
C SER A 278 8.02 13.57 -28.97
N TYR A 279 9.16 12.93 -29.23
CA TYR A 279 9.85 13.17 -30.49
C TYR A 279 9.01 12.75 -31.69
N ASP A 280 8.31 11.61 -31.56
CA ASP A 280 7.53 11.12 -32.70
C ASP A 280 6.30 11.98 -32.95
N ILE A 281 5.71 12.58 -31.91
CA ILE A 281 4.62 13.52 -32.12
C ILE A 281 5.10 14.68 -32.98
N TYR A 282 6.27 15.22 -32.66
CA TYR A 282 6.83 16.33 -33.45
C TYR A 282 7.11 15.88 -34.87
N ARG A 283 7.60 14.66 -35.03
CA ARG A 283 7.92 14.13 -36.37
C ARG A 283 6.67 13.96 -37.21
N ALA A 284 5.57 13.52 -36.60
CA ALA A 284 4.33 13.30 -37.35
C ALA A 284 3.71 14.62 -37.78
N ILE A 285 3.91 15.68 -37.00
CA ILE A 285 3.34 16.99 -37.32
C ILE A 285 4.18 17.75 -38.35
N ARG A 286 5.40 17.30 -38.63
CA ARG A 286 6.24 17.90 -39.66
C ARG A 286 6.33 17.02 -40.90
N GLU A 287 6.84 15.79 -40.76
CA GLU A 287 6.97 14.91 -41.90
C GLU A 287 5.61 14.51 -42.45
N HIS A 288 5.56 14.28 -43.76
CA HIS A 288 4.28 14.21 -44.46
C HIS A 288 3.59 12.85 -44.34
N TRP A 289 4.18 11.88 -43.64
CA TRP A 289 3.43 10.66 -43.38
C TRP A 289 2.30 10.88 -42.38
N GLY A 290 2.38 11.94 -41.58
CA GLY A 290 1.30 12.26 -40.66
C GLY A 290 0.03 12.73 -41.33
N THR A 291 0.10 13.04 -42.63
CA THR A 291 -1.07 13.53 -43.34
C THR A 291 -2.19 12.51 -43.34
N THR A 292 -1.86 11.26 -43.66
CA THR A 292 -2.84 10.18 -43.62
C THR A 292 -3.46 10.06 -42.23
N LEU A 293 -2.63 10.20 -41.19
CA LEU A 293 -3.12 10.11 -39.83
C LEU A 293 -4.11 11.22 -39.51
N ARG A 294 -3.76 12.46 -39.88
CA ARG A 294 -4.66 13.59 -39.59
C ARG A 294 -6.01 13.40 -40.28
N GLU A 295 -6.00 12.89 -41.52
CA GLU A 295 -7.23 12.74 -42.28
C GLU A 295 -8.16 11.70 -41.65
N GLU A 296 -7.63 10.55 -41.24
CA GLU A 296 -8.49 9.53 -40.65
C GLU A 296 -8.98 9.94 -39.26
N ILE A 297 -8.17 10.70 -38.52
CA ILE A 297 -8.62 11.23 -37.24
C ILE A 297 -9.85 12.14 -37.45
N ILE A 298 -9.73 13.11 -38.35
CA ILE A 298 -10.83 14.03 -38.61
C ILE A 298 -12.04 13.26 -39.11
N ALA A 299 -11.83 12.37 -40.08
CA ALA A 299 -12.92 11.61 -40.67
C ALA A 299 -13.69 10.77 -39.65
N SER A 300 -13.01 10.27 -38.61
CA SER A 300 -13.66 9.29 -37.73
C SER A 300 -14.75 9.91 -36.87
N GLY A 301 -14.66 11.21 -36.58
CA GLY A 301 -15.59 11.84 -35.67
C GLY A 301 -15.32 11.59 -34.20
N ALA A 302 -14.22 10.90 -33.86
CA ALA A 302 -13.88 10.63 -32.47
C ALA A 302 -13.00 11.73 -31.90
N THR A 303 -12.85 11.73 -30.58
CA THR A 303 -11.84 12.51 -29.90
C THR A 303 -10.63 11.61 -29.66
N VAL A 304 -9.48 12.02 -30.15
CA VAL A 304 -8.25 11.26 -29.97
C VAL A 304 -7.41 11.96 -28.93
N VAL A 305 -7.14 11.28 -27.80
CA VAL A 305 -6.30 11.83 -26.75
C VAL A 305 -4.88 11.36 -26.99
N ILE A 306 -3.94 12.29 -27.02
CA ILE A 306 -2.53 11.97 -27.21
C ILE A 306 -1.87 11.94 -25.84
N ARG A 307 -1.14 10.87 -25.55
CA ARG A 307 -0.41 10.78 -24.30
C ARG A 307 1.08 10.79 -24.57
N PRO A 308 1.79 11.90 -24.38
CA PRO A 308 3.24 11.88 -24.51
C PRO A 308 3.86 11.11 -23.35
N ASP A 309 4.85 10.26 -23.64
CA ASP A 309 5.43 9.47 -22.56
C ASP A 309 6.95 9.63 -22.49
N SER A 310 7.46 10.78 -22.92
CA SER A 310 8.86 11.13 -22.73
C SER A 310 8.95 12.65 -22.62
N GLY A 311 10.08 13.13 -22.10
CA GLY A 311 10.32 14.55 -21.96
C GLY A 311 9.90 15.07 -20.60
N ASP A 312 10.19 16.35 -20.37
CA ASP A 312 9.80 16.99 -19.11
C ASP A 312 8.28 16.97 -19.00
N PRO A 313 7.72 16.45 -17.90
CA PRO A 313 6.25 16.36 -17.77
C PRO A 313 5.52 17.67 -18.04
N VAL A 314 6.08 18.79 -17.60
CA VAL A 314 5.40 20.08 -17.76
C VAL A 314 5.57 20.61 -19.18
N ASP A 315 6.82 20.72 -19.64
CA ASP A 315 7.08 21.33 -20.94
C ASP A 315 6.39 20.59 -22.08
N VAL A 316 6.35 19.26 -22.02
CA VAL A 316 5.90 18.52 -23.18
C VAL A 316 4.40 18.73 -23.42
N VAL A 317 3.63 18.99 -22.36
CA VAL A 317 2.20 19.25 -22.56
C VAL A 317 2.00 20.52 -23.37
N GLU A 318 2.65 21.60 -22.95
CA GLU A 318 2.51 22.85 -23.67
C GLU A 318 2.96 22.69 -25.12
N GLN A 319 4.02 21.91 -25.35
CA GLN A 319 4.49 21.69 -26.72
C GLN A 319 3.48 20.90 -27.54
N CYS A 320 2.90 19.85 -26.95
CA CYS A 320 1.84 19.12 -27.64
C CYS A 320 0.69 20.02 -28.03
N LEU A 321 0.26 20.89 -27.11
CA LEU A 321 -0.84 21.79 -27.44
C LEU A 321 -0.50 22.69 -28.62
N LEU A 322 0.72 23.25 -28.62
CA LEU A 322 1.13 24.14 -29.71
C LEU A 322 1.22 23.39 -31.03
N LEU A 323 1.80 22.20 -31.01
CA LEU A 323 1.92 21.43 -32.24
C LEU A 323 0.58 20.90 -32.72
N LEU A 324 -0.25 20.37 -31.79
CA LEU A 324 -1.58 19.91 -32.18
C LEU A 324 -2.43 21.07 -32.70
N ASP A 325 -2.26 22.26 -32.10
CA ASP A 325 -2.95 23.43 -32.61
C ASP A 325 -2.58 23.69 -34.06
N GLU A 326 -1.29 23.59 -34.38
CA GLU A 326 -0.86 23.79 -35.76
C GLU A 326 -1.41 22.70 -36.67
N ALA A 327 -1.58 21.49 -36.16
CA ALA A 327 -2.05 20.38 -37.00
C ALA A 327 -3.56 20.38 -37.17
N PHE A 328 -4.31 20.74 -36.14
CA PHE A 328 -5.75 20.53 -36.14
C PHE A 328 -6.57 21.80 -35.97
N GLY A 329 -5.96 22.93 -35.60
CA GLY A 329 -6.70 24.15 -35.40
C GLY A 329 -7.38 24.19 -34.05
N HIS A 330 -8.10 25.29 -33.82
CA HIS A 330 -8.78 25.49 -32.55
C HIS A 330 -9.98 26.41 -32.74
N GLN A 331 -10.84 26.41 -31.73
CA GLN A 331 -11.88 27.42 -31.57
C GLN A 331 -11.59 28.21 -30.29
N VAL A 332 -12.00 29.46 -30.27
CA VAL A 332 -11.82 30.32 -29.11
C VAL A 332 -13.15 30.33 -28.34
N ASN A 333 -13.11 29.97 -27.05
CA ASN A 333 -14.34 29.78 -26.29
C ASN A 333 -14.82 31.11 -25.68
N GLY A 334 -15.90 31.04 -24.91
CA GLY A 334 -16.50 32.23 -24.33
C GLY A 334 -15.62 32.97 -23.35
N LYS A 335 -14.64 32.29 -22.75
CA LYS A 335 -13.72 32.93 -21.82
C LYS A 335 -12.49 33.48 -22.53
N GLY A 336 -12.41 33.32 -23.84
CA GLY A 336 -11.26 33.76 -24.60
C GLY A 336 -10.11 32.78 -24.69
N TYR A 337 -10.34 31.49 -24.40
CA TYR A 337 -9.24 30.52 -24.44
C TYR A 337 -9.42 29.54 -25.60
N LYS A 338 -8.29 29.06 -26.12
CA LYS A 338 -8.30 28.17 -27.27
C LYS A 338 -8.68 26.76 -26.87
N VAL A 339 -9.55 26.14 -27.66
CA VAL A 339 -9.94 24.73 -27.50
C VAL A 339 -9.61 24.00 -28.80
N LEU A 340 -8.73 22.99 -28.71
CA LEU A 340 -8.32 22.24 -29.89
C LEU A 340 -9.50 21.53 -30.55
N ASN A 341 -9.41 21.40 -31.88
CA ASN A 341 -10.36 20.57 -32.64
C ASN A 341 -9.87 19.13 -32.63
N HIS A 342 -10.77 18.21 -32.26
CA HIS A 342 -10.60 16.77 -32.48
C HIS A 342 -9.65 16.08 -31.50
N VAL A 343 -8.71 16.82 -30.90
CA VAL A 343 -7.66 16.17 -30.13
C VAL A 343 -7.55 16.78 -28.74
N ARG A 344 -7.04 15.96 -27.83
CA ARG A 344 -6.80 16.34 -26.45
C ARG A 344 -5.46 15.73 -26.04
N VAL A 345 -4.99 16.10 -24.86
CA VAL A 345 -3.73 15.58 -24.34
C VAL A 345 -3.99 15.04 -22.94
N ILE A 346 -3.38 13.90 -22.60
CA ILE A 346 -3.30 13.45 -21.22
C ILE A 346 -1.83 13.25 -20.86
N GLN A 347 -1.44 13.78 -19.71
CA GLN A 347 -0.10 13.58 -19.18
C GLN A 347 -0.20 12.53 -18.06
N GLY A 348 0.37 11.36 -18.29
CA GLY A 348 0.40 10.32 -17.29
C GLY A 348 1.73 10.11 -16.63
N ASP A 349 2.70 11.00 -16.82
CA ASP A 349 4.03 10.82 -16.25
C ASP A 349 4.41 12.00 -15.37
N GLY A 350 5.06 11.69 -14.26
CA GLY A 350 5.53 12.73 -13.35
C GLY A 350 4.42 13.57 -12.78
N ILE A 351 3.21 13.02 -12.65
CA ILE A 351 2.08 13.79 -12.17
C ILE A 351 1.93 13.61 -10.68
N ASN A 352 2.00 14.70 -9.96
CA ASN A 352 1.65 14.81 -8.55
C ASN A 352 0.95 16.16 -8.43
N PRO A 353 0.39 16.53 -7.27
CA PRO A 353 -0.32 17.81 -7.20
C PRO A 353 0.49 19.02 -7.62
N GLN A 354 1.82 18.96 -7.54
CA GLN A 354 2.63 20.13 -7.84
C GLN A 354 2.90 20.27 -9.33
N SER A 355 3.22 19.16 -10.01
CA SER A 355 3.45 19.23 -11.44
C SER A 355 2.15 19.45 -12.19
N LEU A 356 1.05 18.89 -11.68
CA LEU A 356 -0.27 19.15 -12.26
C LEU A 356 -0.59 20.64 -12.27
N ARG A 357 -0.38 21.31 -11.15
CA ARG A 357 -0.63 22.75 -11.11
C ARG A 357 0.29 23.49 -12.07
N ALA A 358 1.56 23.08 -12.15
CA ALA A 358 2.51 23.73 -13.03
C ALA A 358 2.10 23.58 -14.49
N ILE A 359 1.53 22.44 -14.86
CA ILE A 359 1.02 22.26 -16.21
C ILE A 359 -0.13 23.24 -16.46
N LEU A 360 -1.06 23.32 -15.51
CA LEU A 360 -2.23 24.19 -15.68
C LEU A 360 -1.81 25.65 -15.79
N GLU A 361 -0.88 26.08 -14.94
CA GLU A 361 -0.42 27.47 -15.01
C GLU A 361 0.25 27.74 -16.35
N ARG A 362 0.99 26.77 -16.88
CA ARG A 362 1.75 26.99 -18.10
C ARG A 362 0.83 27.04 -19.32
N ILE A 363 -0.11 26.10 -19.42
CA ILE A 363 -0.93 26.04 -20.63
C ILE A 363 -1.96 27.17 -20.65
N THR A 364 -2.48 27.60 -19.49
CA THR A 364 -3.44 28.70 -19.52
C THR A 364 -2.75 30.02 -19.83
N ALA A 365 -1.54 30.23 -19.30
CA ALA A 365 -0.76 31.41 -19.66
C ALA A 365 -0.47 31.46 -21.15
N ALA A 366 -0.34 30.30 -21.80
CA ALA A 366 -0.21 30.25 -23.25
C ALA A 366 -1.54 30.45 -23.98
N GLY A 367 -2.65 30.64 -23.27
CA GLY A 367 -3.93 30.87 -23.91
C GLY A 367 -4.78 29.66 -24.21
N TYR A 368 -4.43 28.49 -23.67
CA TYR A 368 -5.15 27.26 -23.93
C TYR A 368 -6.11 26.96 -22.78
N ALA A 369 -7.31 26.52 -23.13
CA ALA A 369 -8.29 26.19 -22.10
C ALA A 369 -7.88 24.94 -21.36
N ALA A 370 -8.21 24.88 -20.07
CA ALA A 370 -7.96 23.68 -19.29
C ALA A 370 -8.75 22.48 -19.81
N ASP A 371 -9.80 22.73 -20.62
CA ASP A 371 -10.50 21.65 -21.32
C ASP A 371 -9.56 20.75 -22.10
N ASN A 372 -8.45 21.29 -22.59
CA ASN A 372 -7.59 20.56 -23.52
C ASN A 372 -6.81 19.43 -22.87
N VAL A 373 -6.72 19.40 -21.55
CA VAL A 373 -5.73 18.57 -20.86
C VAL A 373 -6.41 17.75 -19.77
N ALA A 374 -5.88 16.55 -19.56
CA ALA A 374 -6.25 15.70 -18.45
C ALA A 374 -4.97 15.10 -17.87
N PHE A 375 -5.10 14.45 -16.71
CA PHE A 375 -3.94 13.98 -15.98
C PHE A 375 -4.15 12.55 -15.53
N GLY A 376 -3.13 11.72 -15.71
CA GLY A 376 -3.11 10.39 -15.13
C GLY A 376 -2.18 10.36 -13.93
N MET A 377 -2.68 9.85 -12.81
CA MET A 377 -1.87 9.70 -11.62
C MET A 377 -1.86 8.24 -11.21
N GLY A 378 -0.69 7.73 -10.91
CA GLY A 378 -0.55 6.34 -10.50
C GLY A 378 -0.09 6.20 -9.06
N GLY A 379 1.20 5.90 -8.89
CA GLY A 379 1.71 5.69 -7.55
C GLY A 379 1.55 6.90 -6.65
N ALA A 380 1.70 8.10 -7.23
CA ALA A 380 1.51 9.34 -6.48
C ALA A 380 0.10 9.47 -5.93
N LEU A 381 -0.88 8.76 -6.51
CA LEU A 381 -2.23 8.78 -5.98
C LEU A 381 -2.48 7.64 -5.01
N LEU A 382 -2.13 6.41 -5.39
CA LEU A 382 -2.48 5.23 -4.60
C LEU A 382 -1.40 4.77 -3.62
N GLN A 383 -0.14 5.14 -3.83
CA GLN A 383 0.92 4.50 -3.03
C GLN A 383 1.79 5.48 -2.27
N LYS A 384 2.07 6.66 -2.82
CA LYS A 384 2.98 7.61 -2.18
C LYS A 384 2.26 8.45 -1.13
N VAL A 385 1.58 7.76 -0.22
CA VAL A 385 0.91 8.33 0.94
C VAL A 385 1.23 7.40 2.11
N ASP A 386 1.19 7.95 3.31
CA ASP A 386 1.42 7.11 4.48
C ASP A 386 0.63 7.70 5.63
N ARG A 387 0.66 7.01 6.78
CA ARG A 387 -0.12 7.46 7.93
C ARG A 387 0.35 8.80 8.45
N ASP A 388 1.59 9.21 8.13
CA ASP A 388 2.05 10.52 8.54
C ASP A 388 1.60 11.63 7.61
N THR A 389 1.11 11.30 6.42
CA THR A 389 0.70 12.34 5.48
C THR A 389 -0.27 13.30 6.13
N GLN A 390 -1.29 12.77 6.81
CA GLN A 390 -2.26 13.55 7.56
C GLN A 390 -2.21 13.22 9.04
N LYS A 391 -1.05 12.73 9.50
CA LYS A 391 -0.77 12.43 10.91
C LYS A 391 -1.95 11.78 11.61
N PHE A 392 -2.38 10.65 11.07
CA PHE A 392 -3.61 10.03 11.56
C PHE A 392 -3.38 9.33 12.89
N ALA A 393 -4.35 9.47 13.79
CA ALA A 393 -4.21 8.92 15.14
C ALA A 393 -5.54 8.41 15.66
N LEU A 394 -5.48 7.33 16.43
CA LEU A 394 -6.63 6.79 17.15
C LEU A 394 -6.27 6.78 18.62
N LYS A 395 -6.95 7.58 19.43
CA LYS A 395 -6.51 7.81 20.79
C LYS A 395 -7.63 7.52 21.78
N CYS A 396 -7.27 7.00 22.96
CA CYS A 396 -8.25 6.82 24.01
C CYS A 396 -8.45 8.15 24.74
N SER A 397 -9.70 8.55 24.90
CA SER A 397 -9.96 9.82 25.55
C SER A 397 -10.73 9.69 26.84
N ALA A 398 -11.28 8.52 27.16
CA ALA A 398 -12.02 8.35 28.40
C ALA A 398 -12.12 6.86 28.71
N VAL A 399 -12.16 6.57 30.01
CA VAL A 399 -12.35 5.22 30.52
C VAL A 399 -13.22 5.34 31.78
N ARG A 400 -14.02 4.31 32.04
CA ARG A 400 -14.90 4.29 33.21
C ARG A 400 -14.35 3.29 34.23
N VAL A 401 -14.03 3.80 35.41
CA VAL A 401 -13.45 3.01 36.49
C VAL A 401 -14.39 3.11 37.68
N ASP A 402 -14.86 1.96 38.15
CA ASP A 402 -15.79 1.89 39.29
C ASP A 402 -17.06 2.71 39.05
N GLY A 403 -17.42 2.91 37.80
CA GLY A 403 -18.61 3.66 37.47
C GLY A 403 -18.40 5.14 37.18
N ALA A 404 -17.20 5.67 37.40
CA ALA A 404 -16.92 7.07 37.13
C ALA A 404 -16.07 7.20 35.86
N TRP A 405 -16.54 8.04 34.93
CA TRP A 405 -15.76 8.34 33.73
C TRP A 405 -14.59 9.27 34.08
N ILE A 406 -13.41 8.95 33.57
CA ILE A 406 -12.21 9.74 33.81
C ILE A 406 -11.58 10.13 32.47
N ASP A 407 -11.21 11.40 32.36
CA ASP A 407 -10.52 11.89 31.18
C ASP A 407 -9.15 11.24 31.00
N VAL A 408 -8.81 10.90 29.76
CA VAL A 408 -7.52 10.31 29.42
C VAL A 408 -6.87 11.18 28.35
N TYR A 409 -5.57 11.45 28.51
CA TYR A 409 -4.83 12.31 27.60
C TYR A 409 -3.35 12.24 27.96
N LYS A 410 -2.51 12.64 27.00
CA LYS A 410 -1.06 12.67 27.18
C LYS A 410 -0.60 14.00 27.78
N ASP A 411 -0.81 15.10 27.04
CA ASP A 411 -0.45 16.46 27.45
C ASP A 411 -1.70 17.30 27.66
N PRO A 412 -1.68 18.25 28.60
CA PRO A 412 -2.88 19.06 28.85
C PRO A 412 -3.17 20.11 27.78
N ILE A 413 -2.20 20.52 26.97
CA ILE A 413 -2.37 21.62 26.03
C ILE A 413 -1.79 21.24 24.67
N THR A 414 -2.45 21.68 23.60
CA THR A 414 -1.91 21.56 22.25
C THR A 414 -0.75 22.53 22.03
N GLN A 419 -6.64 21.83 27.25
CA GLN A 419 -7.07 22.16 25.90
C GLN A 419 -7.09 20.91 25.01
N SER A 420 -6.29 19.90 25.38
CA SER A 420 -6.24 18.66 24.62
C SER A 420 -7.56 17.90 24.74
N LYS A 421 -7.91 17.20 23.67
CA LYS A 421 -9.18 16.49 23.62
C LYS A 421 -9.21 15.36 24.64
N ARG A 422 -10.30 15.30 25.40
CA ARG A 422 -10.46 14.27 26.43
C ARG A 422 -11.94 14.11 26.69
N GLY A 423 -12.29 13.02 27.36
CA GLY A 423 -13.68 12.74 27.64
C GLY A 423 -14.39 12.10 26.46
N ARG A 424 -15.71 11.99 26.60
CA ARG A 424 -16.56 11.44 25.57
C ARG A 424 -16.89 12.57 24.59
N LEU A 425 -16.46 12.41 23.34
CA LEU A 425 -16.41 13.50 22.38
C LEU A 425 -17.38 13.29 21.23
N THR A 426 -17.63 14.38 20.51
CA THR A 426 -18.36 14.30 19.27
C THR A 426 -17.91 15.46 18.41
N LEU A 427 -18.54 15.57 17.25
CA LEU A 427 -18.25 16.62 16.29
C LEU A 427 -19.54 17.41 16.07
N LEU A 428 -19.40 18.74 16.04
CA LEU A 428 -20.51 19.67 15.84
C LEU A 428 -20.32 20.44 14.54
N ARG A 429 -21.45 20.80 13.93
CA ARG A 429 -21.45 21.66 12.75
C ARG A 429 -22.33 22.88 13.03
N ASP A 430 -21.76 24.06 12.83
CA ASP A 430 -22.51 25.30 13.01
C ASP A 430 -23.53 25.45 11.89
N ARG A 431 -24.80 25.61 12.26
CA ARG A 431 -25.86 25.65 11.27
C ARG A 431 -25.72 26.84 10.33
N ALA A 432 -25.32 28.00 10.87
CA ALA A 432 -25.24 29.23 10.08
C ALA A 432 -24.03 29.26 9.16
N THR A 433 -22.88 28.78 9.64
CA THR A 433 -21.63 28.87 8.91
C THR A 433 -21.20 27.58 8.24
N GLY A 434 -21.72 26.43 8.67
CA GLY A 434 -21.21 25.15 8.24
C GLY A 434 -19.87 24.77 8.85
N GLN A 435 -19.36 25.56 9.79
CA GLN A 435 -18.05 25.29 10.39
C GLN A 435 -18.12 24.15 11.39
N TYR A 436 -17.07 23.33 11.40
CA TYR A 436 -16.95 22.17 12.27
C TYR A 436 -16.17 22.54 13.54
N ARG A 437 -16.56 21.93 14.66
CA ARG A 437 -15.74 21.97 15.87
C ARG A 437 -16.00 20.71 16.67
N SER A 438 -15.00 20.31 17.46
CA SER A 438 -15.14 19.16 18.35
C SER A 438 -15.66 19.63 19.71
N ALA A 439 -16.35 18.73 20.40
CA ALA A 439 -17.01 19.13 21.64
C ALA A 439 -17.32 17.90 22.47
N LEU A 440 -17.57 18.15 23.75
CA LEU A 440 -18.06 17.09 24.63
C LEU A 440 -19.50 16.75 24.29
N LEU A 441 -19.88 15.50 24.57
CA LEU A 441 -21.26 15.09 24.30
C LEU A 441 -22.27 15.93 25.09
N ASP A 442 -21.87 16.46 26.24
CA ASP A 442 -22.75 17.27 27.08
C ASP A 442 -23.00 18.67 26.52
N GLU A 443 -22.30 19.06 25.47
CA GLU A 443 -22.48 20.36 24.86
C GLU A 443 -23.43 20.32 23.65
N VAL A 444 -23.88 19.13 23.24
CA VAL A 444 -24.84 19.06 22.14
C VAL A 444 -26.19 19.63 22.57
N ALA A 445 -26.57 19.37 23.83
CA ALA A 445 -27.83 19.91 24.34
C ALA A 445 -27.81 21.43 24.39
N THR A 446 -26.79 22.01 25.02
CA THR A 446 -26.77 23.45 25.28
C THR A 446 -26.64 24.27 24.00
N HIS A 447 -26.09 23.73 22.92
CA HIS A 447 -25.92 24.49 21.68
C HIS A 447 -26.89 24.03 20.60
N ALA A 448 -28.01 23.40 20.99
CA ALA A 448 -28.95 22.84 20.03
C ALA A 448 -29.48 23.87 19.05
N GLY A 449 -29.50 25.16 19.41
CA GLY A 449 -30.05 26.18 18.55
C GLY A 449 -29.17 26.58 17.38
N ASP A 450 -27.85 26.60 17.62
CA ASP A 450 -26.89 27.08 16.65
C ASP A 450 -26.06 25.99 15.98
N SER A 451 -26.07 24.76 16.47
CA SER A 451 -25.24 23.71 15.90
C SER A 451 -25.95 22.37 16.00
N ASP A 452 -25.55 21.45 15.12
CA ASP A 452 -26.04 20.08 15.12
C ASP A 452 -24.86 19.12 15.31
N ASP A 453 -25.13 18.01 15.98
CA ASP A 453 -24.17 16.91 16.06
C ASP A 453 -23.90 16.36 14.66
N ALA A 454 -22.65 16.48 14.21
CA ALA A 454 -22.29 16.14 12.83
C ALA A 454 -21.93 14.68 12.61
N LEU A 455 -21.72 13.90 13.67
CA LEU A 455 -21.49 12.47 13.52
C LEU A 455 -22.82 11.73 13.43
N VAL A 456 -22.78 10.54 12.84
CA VAL A 456 -23.91 9.63 12.84
C VAL A 456 -23.44 8.27 13.35
N THR A 457 -24.38 7.50 13.89
CA THR A 457 -24.06 6.16 14.35
C THR A 457 -24.06 5.21 13.16
N VAL A 458 -22.87 4.71 12.79
CA VAL A 458 -22.76 3.85 11.62
C VAL A 458 -22.75 2.37 11.98
N TRP A 459 -22.43 2.01 13.21
CA TRP A 459 -22.23 0.61 13.56
C TRP A 459 -22.46 0.42 15.05
N GLU A 460 -23.24 -0.58 15.42
CA GLU A 460 -23.43 -0.86 16.84
C GLU A 460 -23.74 -2.34 17.04
N ASN A 461 -22.95 -2.99 17.88
CA ASN A 461 -23.21 -4.35 18.35
C ASN A 461 -23.49 -5.31 17.20
N GLY A 462 -22.63 -5.28 16.20
CA GLY A 462 -22.72 -6.24 15.13
C GLY A 462 -23.59 -5.85 13.95
N GLN A 463 -24.18 -4.65 13.96
CA GLN A 463 -25.10 -4.24 12.91
C GLN A 463 -24.68 -2.89 12.35
N MET A 464 -24.60 -2.79 11.03
CA MET A 464 -24.31 -1.51 10.39
C MET A 464 -25.60 -0.71 10.33
N LEU A 465 -25.55 0.55 10.79
CA LEU A 465 -26.74 1.38 10.84
C LEU A 465 -26.77 2.36 9.67
N ARG A 466 -26.26 3.57 9.82
CA ARG A 466 -26.22 4.50 8.68
C ARG A 466 -25.23 4.00 7.63
N GLU A 467 -25.67 3.97 6.37
CA GLU A 467 -24.91 3.43 5.24
C GLU A 467 -25.07 4.36 4.05
N TRP A 468 -24.01 4.53 3.27
CA TRP A 468 -24.03 5.46 2.14
C TRP A 468 -23.90 4.73 0.81
N THR A 469 -24.53 5.30 -0.21
CA THR A 469 -24.12 4.99 -1.56
C THR A 469 -22.94 5.86 -1.93
N LEU A 470 -22.22 5.47 -2.99
CA LEU A 470 -21.11 6.31 -3.45
C LEU A 470 -21.60 7.63 -4.00
N GLU A 471 -22.79 7.68 -4.57
CA GLU A 471 -23.30 8.97 -5.03
C GLU A 471 -23.53 9.92 -3.85
N GLN A 472 -24.01 9.39 -2.71
CA GLN A 472 -24.14 10.23 -1.53
C GLN A 472 -22.78 10.76 -1.05
N VAL A 473 -21.78 9.88 -0.99
CA VAL A 473 -20.42 10.31 -0.63
C VAL A 473 -19.93 11.39 -1.60
N ARG A 474 -20.14 11.18 -2.90
CA ARG A 474 -19.70 12.14 -3.91
C ARG A 474 -20.37 13.50 -3.74
N ALA A 475 -21.64 13.51 -3.32
CA ALA A 475 -22.36 14.77 -3.12
C ALA A 475 -21.76 15.58 -1.97
N HIS A 476 -21.46 14.90 -0.85
CA HIS A 476 -20.82 15.58 0.27
C HIS A 476 -19.49 16.17 -0.15
N ALA A 477 -18.67 15.42 -0.89
CA ALA A 477 -17.34 15.88 -1.24
C ALA A 477 -17.40 16.99 -2.30
N ASP A 478 -18.32 16.87 -3.25
CA ASP A 478 -18.40 17.87 -4.31
C ASP A 478 -18.86 19.22 -3.78
N ALA A 479 -19.71 19.22 -2.75
CA ALA A 479 -20.19 20.49 -2.21
C ALA A 479 -19.11 21.22 -1.45
N ALA A 480 -18.13 20.50 -0.89
CA ALA A 480 -17.06 21.15 -0.15
C ALA A 480 -16.12 21.89 -1.09
N ARG A 481 -15.66 23.05 -0.64
CA ARG A 481 -14.69 23.82 -1.40
C ARG A 481 -13.62 24.35 -0.46
N LEU A 482 -12.57 24.90 -1.02
CA LEU A 482 -11.56 25.58 -0.20
C LEU A 482 -12.00 27.02 0.11
N MET B 15 -11.86 -10.03 -0.38
CA MET B 15 -12.90 -11.03 -0.19
C MET B 15 -13.52 -11.48 -1.52
N HIS B 16 -14.68 -12.11 -1.42
CA HIS B 16 -15.33 -12.72 -2.56
C HIS B 16 -15.62 -11.73 -3.67
N TYR B 17 -15.77 -10.44 -3.36
CA TYR B 17 -16.12 -9.46 -4.39
C TYR B 17 -14.95 -9.17 -5.33
N LEU B 18 -13.73 -9.55 -4.97
CA LEU B 18 -12.58 -9.39 -5.85
C LEU B 18 -12.20 -10.69 -6.56
N ASP B 19 -13.06 -11.71 -6.49
CA ASP B 19 -12.78 -13.05 -7.01
C ASP B 19 -13.20 -13.18 -8.47
N ASN B 20 -12.60 -12.34 -9.31
CA ASN B 20 -12.74 -12.51 -10.76
C ASN B 20 -11.42 -12.03 -11.35
N LEU B 21 -10.60 -13.00 -11.77
CA LEU B 21 -9.31 -12.69 -12.36
C LEU B 21 -9.45 -11.79 -13.59
N LEU B 22 -10.52 -11.95 -14.35
CA LEU B 22 -10.69 -11.17 -15.58
C LEU B 22 -10.77 -9.67 -15.30
N LEU B 23 -11.12 -9.29 -14.07
CA LEU B 23 -11.22 -7.89 -13.70
C LEU B 23 -10.07 -7.44 -12.81
N ASN B 24 -9.02 -8.27 -12.67
CA ASN B 24 -7.82 -7.92 -11.90
C ASN B 24 -6.75 -7.40 -12.86
N THR B 25 -7.04 -6.24 -13.45
CA THR B 25 -6.16 -5.67 -14.47
C THR B 25 -6.55 -4.20 -14.68
N ASP B 26 -5.71 -3.49 -15.42
CA ASP B 26 -6.03 -2.13 -15.84
C ASP B 26 -7.10 -2.16 -16.92
N SER B 27 -8.04 -1.20 -16.85
CA SER B 27 -9.15 -1.15 -17.80
C SER B 27 -8.68 -1.29 -19.25
N TYR B 28 -7.65 -0.55 -19.63
CA TYR B 28 -7.26 -0.52 -21.04
C TYR B 28 -6.71 -1.87 -21.52
N LYS B 29 -6.36 -2.78 -20.61
CA LYS B 29 -5.91 -4.11 -21.01
C LYS B 29 -7.04 -4.92 -21.63
N ALA B 30 -8.30 -4.63 -21.26
CA ALA B 30 -9.43 -5.29 -21.91
C ALA B 30 -9.45 -5.02 -23.41
N SER B 31 -8.87 -3.90 -23.84
CA SER B 31 -8.90 -3.47 -25.24
C SER B 31 -7.64 -3.88 -25.98
N HIS B 32 -6.70 -4.51 -25.29
CA HIS B 32 -5.33 -4.59 -25.75
C HIS B 32 -5.14 -5.62 -26.86
N TRP B 33 -5.86 -6.74 -26.83
CA TRP B 33 -5.55 -7.80 -27.79
C TRP B 33 -5.74 -7.35 -29.23
N LEU B 34 -6.67 -6.42 -29.47
CA LEU B 34 -6.93 -5.89 -30.80
C LEU B 34 -5.81 -5.02 -31.33
N GLN B 35 -4.80 -4.73 -30.51
CA GLN B 35 -3.78 -3.77 -30.88
C GLN B 35 -2.54 -4.42 -31.47
N TYR B 36 -2.42 -5.74 -31.38
CA TYR B 36 -1.24 -6.43 -31.90
C TYR B 36 -1.27 -6.49 -33.43
N PRO B 37 -0.12 -6.55 -34.08
CA PRO B 37 -0.09 -6.65 -35.54
C PRO B 37 -0.70 -7.94 -36.01
N PRO B 38 -1.15 -8.00 -37.26
CA PRO B 38 -1.72 -9.25 -37.78
C PRO B 38 -0.67 -10.36 -37.81
N GLY B 39 -1.13 -11.58 -37.58
CA GLY B 39 -0.23 -12.72 -37.54
C GLY B 39 0.51 -12.95 -36.23
N THR B 40 0.25 -12.15 -35.20
CA THR B 40 0.90 -12.37 -33.91
C THR B 40 0.40 -13.65 -33.28
N ASP B 41 1.33 -14.50 -32.81
CA ASP B 41 0.90 -15.72 -32.12
C ASP B 41 1.76 -16.09 -30.92
N ALA B 42 2.61 -15.18 -30.41
CA ALA B 42 3.28 -15.39 -29.14
C ALA B 42 3.82 -14.05 -28.63
N SER B 43 4.06 -13.99 -27.32
CA SER B 43 4.63 -12.80 -26.71
C SER B 43 5.50 -13.20 -25.51
N PHE B 44 6.50 -12.37 -25.23
CA PHE B 44 7.49 -12.66 -24.20
C PHE B 44 7.77 -11.39 -23.42
N PHE B 45 7.75 -11.50 -22.08
CA PHE B 45 7.93 -10.38 -21.18
C PHE B 45 8.96 -10.72 -20.12
N TYR B 46 9.65 -9.70 -19.61
CA TYR B 46 10.51 -9.89 -18.45
C TYR B 46 10.31 -8.76 -17.46
N VAL B 47 10.70 -9.02 -16.21
CA VAL B 47 10.65 -8.07 -15.11
C VAL B 47 12.08 -7.77 -14.65
N GLU B 48 12.34 -6.52 -14.30
CA GLU B 48 13.64 -6.16 -13.76
C GLU B 48 13.49 -4.92 -12.89
N SER B 49 14.48 -4.70 -12.03
CA SER B 49 14.64 -3.41 -11.36
C SER B 49 15.60 -2.55 -12.18
N ARG B 50 15.16 -1.37 -12.58
CA ARG B 50 15.98 -0.49 -13.40
C ARG B 50 16.84 0.46 -12.56
N GLY B 51 17.11 0.13 -11.29
CA GLY B 51 17.91 0.97 -10.42
C GLY B 51 17.10 1.46 -9.22
N GLY B 52 17.48 2.64 -8.73
CA GLY B 52 16.79 3.21 -7.58
C GLY B 52 17.66 3.27 -6.34
N VAL B 53 17.08 3.03 -5.15
CA VAL B 53 17.79 3.32 -3.90
C VAL B 53 18.97 2.37 -3.72
N TYR B 54 18.78 1.09 -4.00
CA TYR B 54 19.79 0.07 -3.73
C TYR B 54 20.27 -0.56 -5.03
N ASP B 55 21.48 -1.13 -4.98
CA ASP B 55 22.12 -1.76 -6.14
C ASP B 55 21.72 -3.21 -6.36
N GLN B 56 20.97 -3.81 -5.46
CA GLN B 56 20.54 -5.18 -5.64
C GLN B 56 19.21 -5.34 -4.92
N THR B 57 18.40 -6.30 -5.36
CA THR B 57 17.10 -6.56 -4.76
C THR B 57 16.95 -8.01 -4.34
N ALA B 58 16.34 -8.23 -3.18
CA ALA B 58 15.93 -9.57 -2.76
C ALA B 58 14.61 -9.94 -3.40
N PHE B 59 14.59 -10.99 -4.22
CA PHE B 59 13.36 -11.36 -4.92
C PHE B 59 12.42 -12.15 -4.01
N PHE B 60 11.18 -11.69 -3.84
CA PHE B 60 10.25 -12.36 -2.95
C PHE B 60 8.83 -11.96 -3.30
N GLY B 61 7.90 -12.90 -3.09
CA GLY B 61 6.48 -12.58 -3.09
C GLY B 61 5.69 -13.09 -4.28
N LEU B 62 6.37 -13.46 -5.37
CA LEU B 62 5.65 -13.95 -6.55
C LEU B 62 4.81 -15.16 -6.22
N GLN B 63 5.32 -16.04 -5.35
CA GLN B 63 4.58 -17.26 -5.03
C GLN B 63 3.25 -16.94 -4.37
N SER B 64 3.24 -15.96 -3.47
CA SER B 64 1.99 -15.54 -2.83
C SER B 64 1.04 -14.93 -3.85
N ILE B 65 1.56 -14.08 -4.72
CA ILE B 65 0.72 -13.43 -5.73
C ILE B 65 0.05 -14.47 -6.62
N LEU B 66 0.82 -15.48 -7.06
CA LEU B 66 0.25 -16.48 -7.95
C LEU B 66 -0.79 -17.34 -7.26
N LYS B 67 -0.54 -17.73 -5.99
CA LYS B 67 -1.50 -18.55 -5.27
C LYS B 67 -2.80 -17.80 -5.02
N GLU B 68 -2.71 -16.50 -4.73
CA GLU B 68 -3.91 -15.76 -4.36
C GLU B 68 -4.66 -15.22 -5.58
N ALA B 69 -3.93 -14.71 -6.59
CA ALA B 69 -4.55 -14.05 -7.73
C ALA B 69 -4.96 -15.04 -8.82
N ILE B 70 -4.27 -16.19 -8.91
CA ILE B 70 -4.68 -17.23 -9.83
C ILE B 70 -4.96 -18.51 -9.06
N ASN B 71 -6.04 -18.52 -8.29
CA ASN B 71 -6.31 -19.60 -7.34
C ASN B 71 -7.26 -20.65 -7.89
N ARG B 72 -7.84 -20.44 -9.07
CA ARG B 72 -8.81 -21.36 -9.62
C ARG B 72 -8.89 -21.13 -11.11
N PRO B 73 -9.44 -22.10 -11.87
CA PRO B 73 -9.68 -21.85 -13.29
C PRO B 73 -10.70 -20.73 -13.51
N VAL B 74 -10.50 -19.98 -14.61
CA VAL B 74 -11.51 -19.04 -15.07
C VAL B 74 -12.77 -19.81 -15.45
N THR B 75 -13.94 -19.21 -15.19
CA THR B 75 -15.21 -19.86 -15.48
C THR B 75 -16.08 -19.01 -16.41
N HIS B 76 -17.18 -19.62 -16.85
CA HIS B 76 -18.14 -18.90 -17.68
C HIS B 76 -18.84 -17.80 -16.88
N ALA B 77 -19.08 -18.04 -15.59
CA ALA B 77 -19.62 -16.97 -14.74
C ALA B 77 -18.66 -15.78 -14.67
N ASP B 78 -17.35 -16.03 -14.60
CA ASP B 78 -16.37 -14.94 -14.63
C ASP B 78 -16.54 -14.10 -15.88
N ILE B 79 -16.68 -14.77 -17.03
CA ILE B 79 -16.79 -14.10 -18.32
C ILE B 79 -18.07 -13.26 -18.37
N ASP B 80 -19.20 -13.85 -17.97
CA ASP B 80 -20.47 -13.11 -17.97
C ASP B 80 -20.35 -11.82 -17.18
N ASP B 81 -19.75 -11.90 -15.98
CA ASP B 81 -19.59 -10.74 -15.13
C ASP B 81 -18.67 -9.71 -15.75
N ALA B 82 -17.51 -10.14 -16.24
CA ALA B 82 -16.57 -9.20 -16.85
C ALA B 82 -17.19 -8.55 -18.08
N LYS B 83 -17.91 -9.32 -18.88
CA LYS B 83 -18.51 -8.79 -20.11
C LYS B 83 -19.48 -7.66 -19.79
N ALA B 84 -20.38 -7.88 -18.83
CA ALA B 84 -21.36 -6.86 -18.48
C ALA B 84 -20.67 -5.61 -17.95
N LEU B 85 -19.74 -5.77 -17.00
CA LEU B 85 -19.13 -4.62 -16.37
C LEU B 85 -18.29 -3.81 -17.36
N LEU B 86 -17.47 -4.49 -18.17
CA LEU B 86 -16.58 -3.75 -19.06
C LEU B 86 -17.36 -3.02 -20.15
N ALA B 87 -18.46 -3.60 -20.63
CA ALA B 87 -19.29 -2.90 -21.61
C ALA B 87 -19.83 -1.61 -21.01
N ALA B 88 -20.36 -1.68 -19.78
CA ALA B 88 -20.91 -0.49 -19.13
C ALA B 88 -19.82 0.51 -18.78
N HIS B 89 -18.64 0.01 -18.38
CA HIS B 89 -17.49 0.83 -18.01
C HIS B 89 -16.90 1.56 -19.20
N GLY B 90 -17.00 0.99 -20.41
CA GLY B 90 -16.47 1.66 -21.57
C GLY B 90 -15.40 0.92 -22.36
N GLU B 91 -15.12 -0.39 -22.04
CA GLU B 91 -14.05 -1.10 -22.73
C GLU B 91 -14.61 -2.22 -23.60
N PRO B 92 -14.01 -2.48 -24.76
CA PRO B 92 -14.32 -3.73 -25.47
C PRO B 92 -13.81 -4.93 -24.68
N PHE B 93 -14.38 -6.10 -24.96
CA PHE B 93 -14.10 -7.31 -24.17
C PHE B 93 -13.99 -8.51 -25.10
N ASN B 94 -12.89 -9.26 -24.95
CA ASN B 94 -12.63 -10.40 -25.84
C ASN B 94 -13.37 -11.63 -25.34
N GLU B 95 -14.71 -11.54 -25.43
CA GLU B 95 -15.54 -12.63 -24.91
C GLU B 95 -15.20 -13.97 -25.56
N ALA B 96 -15.02 -13.98 -26.88
CA ALA B 96 -14.74 -15.23 -27.58
C ALA B 96 -13.39 -15.80 -27.16
N GLY B 97 -12.37 -14.94 -27.01
CA GLY B 97 -11.07 -15.43 -26.56
C GLY B 97 -11.12 -16.04 -25.18
N TRP B 98 -11.90 -15.43 -24.28
CA TRP B 98 -11.98 -15.98 -22.92
C TRP B 98 -12.82 -17.25 -22.90
N ARG B 99 -13.89 -17.30 -23.70
CA ARG B 99 -14.69 -18.53 -23.73
C ARG B 99 -13.87 -19.69 -24.27
N ASP B 100 -12.99 -19.40 -25.23
CA ASP B 100 -12.09 -20.42 -25.75
C ASP B 100 -11.16 -20.95 -24.65
N ILE B 101 -10.60 -20.05 -23.84
CA ILE B 101 -9.73 -20.48 -22.75
C ILE B 101 -10.49 -21.39 -21.78
N VAL B 102 -11.74 -21.05 -21.49
CA VAL B 102 -12.55 -21.87 -20.59
C VAL B 102 -12.89 -23.20 -21.23
N ASP B 103 -13.36 -23.19 -22.48
CA ASP B 103 -13.89 -24.40 -23.11
C ASP B 103 -12.78 -25.34 -23.57
N ARG B 104 -11.74 -24.79 -24.18
CA ARG B 104 -10.68 -25.62 -24.75
C ARG B 104 -9.56 -25.93 -23.75
N LEU B 105 -9.23 -24.99 -22.88
CA LEU B 105 -8.09 -25.13 -21.98
C LEU B 105 -8.51 -25.26 -20.52
N GLY B 106 -9.77 -25.57 -20.26
CA GLY B 106 -10.24 -25.78 -18.91
C GLY B 106 -10.13 -24.57 -18.01
N GLY B 107 -10.12 -23.36 -18.58
CA GLY B 107 -9.96 -22.16 -17.78
C GLY B 107 -8.57 -21.93 -17.22
N GLN B 108 -7.57 -22.69 -17.67
CA GLN B 108 -6.20 -22.55 -17.19
C GLN B 108 -5.41 -21.62 -18.11
N LEU B 109 -4.77 -20.63 -17.51
CA LEU B 109 -4.09 -19.61 -18.31
C LEU B 109 -2.91 -20.22 -19.05
N PRO B 110 -2.84 -20.07 -20.38
CA PRO B 110 -1.71 -20.60 -21.16
C PRO B 110 -0.49 -19.67 -21.13
N ILE B 111 0.24 -19.69 -20.01
CA ILE B 111 1.43 -18.87 -19.83
C ILE B 111 2.45 -19.72 -19.08
N ARG B 112 3.72 -19.38 -19.25
CA ARG B 112 4.80 -19.98 -18.47
C ARG B 112 5.54 -18.85 -17.78
N ILE B 113 5.68 -18.96 -16.45
CA ILE B 113 6.37 -17.97 -15.64
C ILE B 113 7.64 -18.62 -15.10
N ARG B 114 8.78 -17.97 -15.33
CA ARG B 114 10.05 -18.39 -14.77
C ARG B 114 10.57 -17.26 -13.89
N ALA B 115 11.26 -17.63 -12.80
CA ALA B 115 11.67 -16.65 -11.80
C ALA B 115 12.93 -17.12 -11.10
N VAL B 116 13.69 -16.17 -10.60
CA VAL B 116 14.82 -16.52 -9.74
C VAL B 116 14.29 -17.03 -8.41
N PRO B 117 14.92 -18.03 -7.78
CA PRO B 117 14.36 -18.59 -6.55
C PRO B 117 14.21 -17.52 -5.50
N GLU B 118 13.06 -17.53 -4.81
CA GLU B 118 12.75 -16.44 -3.90
C GLU B 118 13.73 -16.43 -2.74
N GLY B 119 14.15 -15.23 -2.37
CA GLY B 119 15.20 -15.04 -1.39
C GLY B 119 16.55 -14.72 -1.99
N CYS B 120 16.78 -15.07 -3.25
CA CYS B 120 18.01 -14.67 -3.91
C CYS B 120 18.07 -13.15 -4.06
N VAL B 121 19.29 -12.62 -3.98
CA VAL B 121 19.54 -11.19 -4.03
C VAL B 121 20.33 -10.93 -5.30
N VAL B 122 19.76 -10.13 -6.20
CA VAL B 122 20.24 -10.03 -7.59
C VAL B 122 20.54 -8.57 -7.89
N PRO B 123 21.68 -8.26 -8.48
CA PRO B 123 21.96 -6.87 -8.86
C PRO B 123 20.87 -6.31 -9.77
N THR B 124 20.68 -4.99 -9.71
CA THR B 124 19.69 -4.34 -10.54
C THR B 124 20.04 -4.49 -12.03
N HIS B 125 19.07 -4.14 -12.89
CA HIS B 125 19.18 -4.23 -14.35
C HIS B 125 19.31 -5.67 -14.84
N ASN B 126 18.76 -6.61 -14.09
CA ASN B 126 18.82 -8.03 -14.44
C ASN B 126 17.42 -8.63 -14.47
N VAL B 127 17.27 -9.62 -15.36
CA VAL B 127 16.02 -10.38 -15.46
C VAL B 127 15.74 -11.09 -14.15
N LEU B 128 14.61 -10.77 -13.52
CA LEU B 128 14.19 -11.47 -12.30
C LEU B 128 13.09 -12.49 -12.55
N MET B 129 12.25 -12.28 -13.56
CA MET B 129 11.23 -13.25 -13.96
C MET B 129 10.89 -13.01 -15.42
N THR B 130 10.37 -14.06 -16.08
CA THR B 130 9.88 -13.94 -17.45
C THR B 130 8.49 -14.53 -17.53
N ILE B 131 7.70 -14.03 -18.49
CA ILE B 131 6.34 -14.51 -18.72
C ILE B 131 6.20 -14.74 -20.21
N GLU B 132 5.80 -15.94 -20.60
CA GLU B 132 5.71 -16.29 -22.02
C GLU B 132 4.38 -16.97 -22.30
N SER B 133 3.74 -16.59 -23.41
CA SER B 133 2.53 -17.27 -23.85
C SER B 133 2.86 -18.70 -24.30
N THR B 134 1.92 -19.62 -24.07
CA THR B 134 2.12 -21.00 -24.49
C THR B 134 1.07 -21.47 -25.50
N ASP B 135 0.18 -20.58 -25.94
CA ASP B 135 -0.89 -20.95 -26.87
C ASP B 135 -0.97 -19.88 -27.95
N ALA B 136 -0.98 -20.31 -29.21
CA ALA B 136 -0.92 -19.36 -30.32
C ALA B 136 -2.17 -18.49 -30.36
N LYS B 137 -3.32 -19.07 -30.05
CA LYS B 137 -4.57 -18.32 -30.12
C LYS B 137 -4.67 -17.33 -28.97
N ALA B 138 -4.28 -17.74 -27.77
CA ALA B 138 -4.35 -16.87 -26.59
C ALA B 138 -3.00 -16.24 -26.27
N PHE B 139 -2.32 -15.73 -27.29
CA PHE B 139 -0.99 -15.14 -27.13
C PHE B 139 -0.98 -13.86 -26.30
N TRP B 140 -2.13 -13.20 -26.13
CA TRP B 140 -2.23 -11.89 -25.50
C TRP B 140 -2.36 -11.96 -23.97
N VAL B 141 -2.41 -13.17 -23.39
CA VAL B 141 -2.65 -13.29 -21.95
C VAL B 141 -1.54 -12.70 -21.10
N PRO B 142 -0.24 -12.80 -21.44
CA PRO B 142 0.76 -12.23 -20.53
C PRO B 142 0.58 -10.75 -20.28
N SER B 143 0.31 -9.94 -21.32
CA SER B 143 0.14 -8.51 -21.07
C SER B 143 -1.09 -8.23 -20.21
N TYR B 144 -2.13 -9.07 -20.33
CA TYR B 144 -3.31 -8.91 -19.49
C TYR B 144 -2.97 -9.01 -18.01
N LEU B 145 -1.97 -9.81 -17.67
CA LEU B 145 -1.59 -10.06 -16.28
C LEU B 145 -0.53 -9.09 -15.77
N GLU B 146 -0.11 -8.14 -16.60
CA GLU B 146 0.98 -7.25 -16.20
C GLU B 146 0.64 -6.52 -14.90
N THR B 147 -0.60 -6.07 -14.78
CA THR B 147 -1.00 -5.28 -13.62
C THR B 147 -0.81 -6.04 -12.31
N LEU B 148 -1.35 -7.25 -12.23
CA LEU B 148 -1.26 -7.98 -10.99
C LEU B 148 0.14 -8.56 -10.78
N LEU B 149 0.87 -8.83 -11.87
CA LEU B 149 2.22 -9.36 -11.73
C LEU B 149 3.21 -8.28 -11.33
N LEU B 150 3.04 -7.07 -11.86
CA LEU B 150 3.99 -6.00 -11.57
C LEU B 150 3.92 -5.58 -10.11
N ARG B 151 2.81 -5.83 -9.43
CA ARG B 151 2.76 -5.52 -8.00
C ARG B 151 3.74 -6.38 -7.18
N VAL B 152 4.46 -7.32 -7.81
CA VAL B 152 5.54 -7.99 -7.09
C VAL B 152 6.61 -6.99 -6.67
N TRP B 153 6.60 -5.78 -7.26
CA TRP B 153 7.50 -4.73 -6.79
C TRP B 153 7.42 -4.56 -5.28
N TYR B 154 6.21 -4.75 -4.70
CA TYR B 154 6.03 -4.44 -3.28
C TYR B 154 6.73 -5.45 -2.36
N PRO B 155 6.45 -6.74 -2.43
CA PRO B 155 7.21 -7.67 -1.58
C PRO B 155 8.71 -7.68 -1.89
N VAL B 156 9.11 -7.48 -3.15
CA VAL B 156 10.53 -7.34 -3.46
C VAL B 156 11.13 -6.17 -2.71
N THR B 157 10.44 -5.03 -2.73
CA THR B 157 11.04 -3.82 -2.18
C THR B 157 11.06 -3.85 -0.65
N VAL B 158 10.02 -4.42 -0.02
CA VAL B 158 10.05 -4.53 1.42
C VAL B 158 11.12 -5.54 1.85
N ALA B 159 11.19 -6.69 1.17
CA ALA B 159 12.24 -7.67 1.46
C ALA B 159 13.63 -7.06 1.29
N THR B 160 13.79 -6.21 0.28
CA THR B 160 15.09 -5.59 0.02
C THR B 160 15.45 -4.58 1.11
N VAL B 161 14.52 -3.68 1.47
CA VAL B 161 14.80 -2.74 2.55
C VAL B 161 15.18 -3.48 3.83
N SER B 162 14.45 -4.55 4.13
CA SER B 162 14.73 -5.35 5.32
C SER B 162 16.11 -6.02 5.21
N TRP B 163 16.43 -6.57 4.04
CA TRP B 163 17.74 -7.20 3.83
C TRP B 163 18.87 -6.18 3.92
N GLN B 164 18.65 -4.96 3.41
CA GLN B 164 19.69 -3.95 3.48
C GLN B 164 19.96 -3.55 4.92
N VAL B 165 18.92 -3.42 5.73
CA VAL B 165 19.10 -3.15 7.15
C VAL B 165 19.85 -4.30 7.81
N LYS B 166 19.51 -5.53 7.44
CA LYS B 166 20.19 -6.68 8.03
C LYS B 166 21.70 -6.62 7.77
N GLN B 167 22.13 -6.16 6.59
CA GLN B 167 23.56 -6.12 6.34
C GLN B 167 24.25 -5.05 7.18
N ILE B 168 23.57 -3.96 7.49
CA ILE B 168 24.15 -2.94 8.38
C ILE B 168 24.33 -3.51 9.78
N VAL B 169 23.29 -4.14 10.33
CA VAL B 169 23.39 -4.70 11.66
C VAL B 169 24.43 -5.81 11.69
N ARG B 170 24.44 -6.65 10.65
CA ARG B 170 25.44 -7.73 10.57
C ARG B 170 26.85 -7.17 10.69
N ASP B 171 27.14 -6.11 9.94
CA ASP B 171 28.46 -5.48 9.98
C ASP B 171 28.85 -5.12 11.41
N PHE B 172 27.97 -4.45 12.15
CA PHE B 172 28.33 -4.01 13.51
C PHE B 172 28.36 -5.17 14.50
N LEU B 173 27.51 -6.18 14.32
CA LEU B 173 27.60 -7.37 15.16
C LEU B 173 28.89 -8.13 14.90
N GLN B 174 29.31 -8.23 13.64
CA GLN B 174 30.59 -8.87 13.35
C GLN B 174 31.74 -8.15 14.05
N ARG B 175 31.65 -6.81 14.13
CA ARG B 175 32.72 -6.03 14.75
C ARG B 175 32.71 -6.12 16.28
N THR B 176 31.55 -6.28 16.90
CA THR B 176 31.43 -6.03 18.34
C THR B 176 30.78 -7.15 19.16
N SER B 177 30.32 -8.24 18.55
CA SER B 177 29.51 -9.25 19.25
C SER B 177 30.19 -10.62 19.24
N ASP B 178 30.00 -11.38 20.32
CA ASP B 178 30.56 -12.74 20.36
C ASP B 178 29.72 -13.75 19.58
N ASP B 179 28.46 -13.44 19.29
CA ASP B 179 27.60 -14.36 18.54
C ASP B 179 26.83 -13.54 17.50
N PRO B 180 27.50 -13.11 16.43
CA PRO B 180 26.81 -12.22 15.47
C PRO B 180 25.55 -12.83 14.88
N GLU B 181 25.65 -14.05 14.33
CA GLU B 181 24.51 -14.63 13.62
C GLU B 181 23.43 -15.16 14.55
N GLY B 182 23.74 -15.37 15.84
CA GLY B 182 22.69 -15.66 16.80
C GLY B 182 21.94 -14.43 17.28
N GLN B 183 22.61 -13.27 17.27
CA GLN B 183 21.95 -12.03 17.68
C GLN B 183 21.10 -11.46 16.56
N LEU B 184 21.61 -11.54 15.34
CA LEU B 184 21.04 -10.82 14.20
C LEU B 184 19.55 -11.06 13.93
N PRO B 185 19.01 -12.28 13.99
CA PRO B 185 17.61 -12.48 13.58
C PRO B 185 16.59 -11.71 14.41
N PHE B 186 16.98 -11.15 15.55
CA PHE B 186 16.07 -10.44 16.43
C PHE B 186 16.24 -8.93 16.40
N LYS B 187 17.00 -8.39 15.45
CA LYS B 187 17.44 -7.01 15.54
C LYS B 187 16.52 -6.01 14.83
N LEU B 188 15.63 -6.46 13.95
CA LEU B 188 14.66 -5.56 13.31
C LEU B 188 13.28 -6.16 13.47
N HIS B 189 12.41 -5.47 14.19
CA HIS B 189 11.07 -5.92 14.53
C HIS B 189 10.05 -5.11 13.73
N ASP B 190 9.08 -5.79 13.11
CA ASP B 190 8.06 -5.12 12.28
C ASP B 190 6.90 -4.65 13.16
N PHE B 191 6.61 -3.34 13.11
CA PHE B 191 5.50 -2.72 13.84
C PHE B 191 4.49 -2.04 12.90
N GLY B 192 4.48 -2.40 11.62
CA GLY B 192 3.80 -1.60 10.61
C GLY B 192 2.33 -1.88 10.32
N ALA B 193 1.65 -2.75 11.08
CA ALA B 193 0.31 -3.16 10.68
C ALA B 193 -0.68 -2.00 10.67
N ARG B 194 -0.56 -1.05 11.59
CA ARG B 194 -1.52 0.05 11.60
C ARG B 194 -1.20 1.10 10.56
N GLY B 195 0.02 1.11 10.05
CA GLY B 195 0.54 2.12 9.17
C GLY B 195 0.64 1.71 7.72
N VAL B 196 0.07 0.58 7.35
CA VAL B 196 0.10 0.11 5.96
C VAL B 196 -1.33 0.23 5.40
N SER B 197 -1.44 0.22 4.07
CA SER B 197 -2.70 0.67 3.45
C SER B 197 -3.83 -0.35 3.50
N SER B 198 -3.56 -1.62 3.78
CA SER B 198 -4.64 -2.60 3.82
C SER B 198 -4.16 -3.88 4.50
N LEU B 199 -5.13 -4.73 4.81
CA LEU B 199 -4.85 -6.03 5.42
C LEU B 199 -4.00 -6.90 4.52
N GLY B 200 -4.30 -6.90 3.21
CA GLY B 200 -3.49 -7.67 2.28
C GLY B 200 -2.07 -7.17 2.17
N SER B 201 -1.88 -5.86 2.18
CA SER B 201 -0.53 -5.32 2.16
C SER B 201 0.20 -5.64 3.46
N ALA B 202 -0.50 -5.53 4.59
CA ALA B 202 0.10 -5.91 5.87
C ALA B 202 0.64 -7.33 5.80
N ALA B 203 -0.17 -8.25 5.29
CA ALA B 203 0.17 -9.68 5.29
C ALA B 203 1.39 -9.96 4.42
N LEU B 204 1.42 -9.40 3.20
CA LEU B 204 2.47 -9.69 2.23
C LEU B 204 3.74 -8.89 2.52
N GLY B 205 3.60 -7.60 2.83
CA GLY B 205 4.75 -6.82 3.23
C GLY B 205 5.37 -7.33 4.52
N GLY B 206 4.52 -7.71 5.48
CA GLY B 206 5.02 -8.28 6.71
C GLY B 206 5.79 -9.57 6.47
N ALA B 207 5.29 -10.42 5.56
CA ALA B 207 6.02 -11.65 5.25
C ALA B 207 7.34 -11.35 4.56
N ALA B 208 7.38 -10.28 3.76
CA ALA B 208 8.62 -9.88 3.11
C ALA B 208 9.70 -9.52 4.14
N HIS B 209 9.29 -8.87 5.25
CA HIS B 209 10.22 -8.62 6.34
C HIS B 209 10.68 -9.93 6.98
N LEU B 210 9.77 -10.90 7.14
CA LEU B 210 10.17 -12.14 7.80
C LEU B 210 11.13 -12.97 6.96
N VAL B 211 11.36 -12.60 5.70
CA VAL B 211 12.45 -13.21 4.92
C VAL B 211 13.79 -13.05 5.64
N ASN B 212 13.93 -11.98 6.43
CA ASN B 212 15.21 -11.60 6.98
C ASN B 212 15.28 -11.68 8.50
N PHE B 213 14.16 -11.57 9.20
CA PHE B 213 14.18 -11.50 10.66
C PHE B 213 13.06 -12.36 11.23
N LEU B 214 13.15 -12.60 12.54
CA LEU B 214 12.16 -13.43 13.23
C LEU B 214 11.10 -12.63 13.97
N GLY B 215 11.31 -11.35 14.26
CA GLY B 215 10.44 -10.60 15.14
C GLY B 215 9.43 -9.78 14.36
N THR B 216 8.15 -9.95 14.70
CA THR B 216 7.09 -9.17 14.08
C THR B 216 5.91 -9.05 15.05
N ASP B 217 5.26 -7.89 15.01
CA ASP B 217 3.94 -7.72 15.61
C ASP B 217 2.84 -7.80 14.56
N THR B 218 3.19 -8.11 13.32
CA THR B 218 2.21 -8.11 12.24
C THR B 218 1.67 -9.53 12.09
N LEU B 219 0.62 -9.82 12.85
CA LEU B 219 0.04 -11.17 12.85
C LEU B 219 -0.40 -11.60 11.46
N SER B 220 -0.89 -10.65 10.64
CA SER B 220 -1.28 -11.00 9.28
C SER B 220 -0.17 -11.68 8.51
N ALA B 221 1.09 -11.31 8.81
CA ALA B 221 2.22 -11.90 8.09
C ALA B 221 2.38 -13.37 8.42
N LEU B 222 2.10 -13.76 9.67
CA LEU B 222 2.13 -15.17 10.03
C LEU B 222 1.08 -15.95 9.28
N LEU B 223 -0.12 -15.35 9.12
CA LEU B 223 -1.19 -16.04 8.40
C LEU B 223 -0.80 -16.27 6.94
N LEU B 224 -0.20 -15.26 6.30
CA LEU B 224 0.23 -15.42 4.93
C LEU B 224 1.35 -16.45 4.81
N ALA B 225 2.35 -16.40 5.69
CA ALA B 225 3.46 -17.35 5.63
C ALA B 225 2.97 -18.79 5.81
N ARG B 226 1.95 -18.96 6.66
CA ARG B 226 1.35 -20.27 6.87
C ARG B 226 0.55 -20.72 5.65
N ALA B 227 -0.18 -19.82 5.00
CA ALA B 227 -1.05 -20.23 3.91
C ALA B 227 -0.29 -20.40 2.61
N HIS B 228 0.75 -19.59 2.39
CA HIS B 228 1.38 -19.49 1.08
C HIS B 228 2.83 -19.97 1.05
N TYR B 229 3.51 -20.02 2.20
CA TYR B 229 4.90 -20.44 2.24
C TYR B 229 5.11 -21.58 3.23
N HIS B 230 4.06 -22.33 3.58
CA HIS B 230 4.19 -23.61 4.28
C HIS B 230 4.86 -23.46 5.66
N THR B 231 4.73 -22.31 6.30
CA THR B 231 5.44 -22.07 7.57
C THR B 231 4.46 -21.72 8.67
N PRO B 232 4.20 -22.64 9.61
CA PRO B 232 3.09 -22.45 10.57
C PRO B 232 3.24 -21.25 11.49
N VAL B 233 4.45 -20.95 11.97
CA VAL B 233 4.64 -19.86 12.94
C VAL B 233 5.93 -19.15 12.56
N ALA B 234 5.84 -18.24 11.57
CA ALA B 234 7.03 -17.72 10.94
C ALA B 234 7.81 -16.75 11.83
N GLY B 235 7.17 -16.18 12.85
CA GLY B 235 7.90 -15.23 13.67
C GLY B 235 7.26 -15.06 15.03
N TYR B 236 7.91 -14.23 15.87
CA TYR B 236 7.65 -14.22 17.30
C TYR B 236 7.57 -12.80 17.83
N SER B 237 6.98 -12.64 19.01
CA SER B 237 7.07 -11.36 19.69
C SER B 237 6.99 -11.60 21.20
N ILE B 238 7.01 -10.52 21.97
CA ILE B 238 6.88 -10.57 23.43
C ILE B 238 5.89 -9.50 23.86
N PRO B 239 5.28 -9.67 25.04
CA PRO B 239 4.32 -8.65 25.51
C PRO B 239 5.01 -7.35 25.88
N ALA B 240 4.23 -6.26 25.83
CA ALA B 240 4.73 -4.90 26.00
C ALA B 240 3.63 -3.97 26.52
N ALA B 241 4.05 -2.78 27.00
CA ALA B 241 3.15 -1.76 27.53
C ALA B 241 2.79 -0.74 26.43
N GLU B 242 2.20 0.39 26.81
CA GLU B 242 1.55 1.23 25.80
C GLU B 242 1.59 2.71 26.19
N HIS B 243 1.12 3.56 25.24
CA HIS B 243 0.60 4.88 25.58
C HIS B 243 -0.64 4.76 26.45
N SER B 244 -1.55 3.85 26.07
CA SER B 244 -2.96 3.98 26.39
C SER B 244 -3.19 3.86 27.89
N THR B 245 -2.63 2.85 28.53
CA THR B 245 -3.19 2.37 29.78
C THR B 245 -2.28 2.55 30.99
N ILE B 246 -1.00 2.83 30.81
CA ILE B 246 -0.13 2.81 31.97
C ILE B 246 -0.09 4.16 32.70
N THR B 247 -0.29 5.27 32.00
CA THR B 247 -0.63 6.52 32.67
C THR B 247 -2.12 6.81 32.60
N SER B 248 -2.93 5.84 32.17
CA SER B 248 -4.37 5.84 32.40
C SER B 248 -4.71 5.33 33.80
N TRP B 249 -3.79 4.63 34.46
CA TRP B 249 -3.93 4.30 35.87
C TRP B 249 -3.99 5.54 36.75
N GLY B 250 -3.74 6.71 36.19
CA GLY B 250 -3.36 7.91 36.92
C GLY B 250 -1.85 8.11 36.84
N ARG B 251 -1.44 9.37 36.99
CA ARG B 251 -0.02 9.69 36.99
C ARG B 251 0.56 9.73 38.39
N GLU B 252 -0.24 9.43 39.41
CA GLU B 252 0.28 9.20 40.75
C GLU B 252 0.79 7.78 40.93
N ARG B 253 0.39 6.85 40.07
CA ARG B 253 0.68 5.42 40.22
C ARG B 253 1.07 4.80 38.89
N GLU B 254 1.91 5.50 38.11
CA GLU B 254 2.49 4.86 36.93
C GLU B 254 3.42 3.74 37.32
N VAL B 255 4.14 3.90 38.44
CA VAL B 255 5.08 2.88 38.87
C VAL B 255 4.37 1.53 38.99
N ASP B 256 3.40 1.44 39.90
CA ASP B 256 2.65 0.19 40.02
C ASP B 256 1.80 -0.12 38.79
N ALA B 257 1.74 0.79 37.83
CA ALA B 257 1.09 0.50 36.55
C ALA B 257 2.06 -0.16 35.58
N TYR B 258 3.27 0.40 35.43
CA TYR B 258 4.30 -0.29 34.66
C TYR B 258 4.75 -1.58 35.35
N ARG B 259 4.69 -1.63 36.68
CA ARG B 259 5.13 -2.80 37.42
C ARG B 259 4.00 -3.74 37.79
N ASN B 260 2.83 -3.59 37.17
CA ASN B 260 1.80 -4.59 37.25
C ASN B 260 1.95 -5.68 36.20
N MET B 261 2.83 -5.48 35.21
CA MET B 261 3.15 -6.51 34.23
C MET B 261 4.47 -7.22 34.55
N LEU B 262 5.20 -6.77 35.58
CA LEU B 262 6.18 -7.65 36.21
C LEU B 262 5.50 -8.80 36.94
N THR B 263 4.18 -8.74 37.12
CA THR B 263 3.44 -9.80 37.80
C THR B 263 3.35 -11.06 36.95
N GLN B 264 3.12 -10.91 35.63
CA GLN B 264 2.81 -12.05 34.75
C GLN B 264 4.01 -12.92 34.41
N ILE B 271 11.06 -12.64 28.86
CA ILE B 271 11.37 -11.28 28.40
C ILE B 271 10.09 -10.46 28.22
N VAL B 272 10.15 -9.17 28.56
CA VAL B 272 9.01 -8.26 28.45
C VAL B 272 9.52 -6.88 28.06
N ALA B 273 8.65 -6.09 27.43
CA ALA B 273 9.00 -4.77 26.93
C ALA B 273 8.26 -3.69 27.70
N VAL B 274 9.01 -2.74 28.27
CA VAL B 274 8.44 -1.60 28.99
C VAL B 274 8.84 -0.32 28.26
N VAL B 275 7.91 0.63 28.20
CA VAL B 275 8.11 1.87 27.45
C VAL B 275 8.50 2.97 28.44
N SER B 276 9.71 3.50 28.28
CA SER B 276 10.23 4.57 29.12
C SER B 276 10.65 5.75 28.25
N ASP B 277 11.37 6.68 28.89
CA ASP B 277 12.13 7.73 28.23
C ASP B 277 13.52 7.75 28.87
N SER B 278 14.38 8.66 28.41
CA SER B 278 15.72 8.67 28.97
C SER B 278 15.77 9.46 30.28
N TYR B 279 14.95 10.50 30.40
CA TYR B 279 14.78 11.15 31.70
C TYR B 279 14.16 10.22 32.73
N ASP B 280 13.26 9.34 32.32
CA ASP B 280 12.63 8.43 33.29
C ASP B 280 13.63 7.45 33.88
N ILE B 281 14.62 7.01 33.11
CA ILE B 281 15.63 6.13 33.68
C ILE B 281 16.51 6.91 34.64
N TYR B 282 16.89 8.14 34.28
CA TYR B 282 17.66 8.98 35.17
C TYR B 282 16.94 9.21 36.49
N ARG B 283 15.64 9.52 36.44
CA ARG B 283 14.88 9.72 37.67
C ARG B 283 14.83 8.44 38.50
N ALA B 284 14.59 7.30 37.84
CA ALA B 284 14.54 6.03 38.55
C ALA B 284 15.85 5.77 39.30
N ILE B 285 16.96 6.27 38.77
CA ILE B 285 18.24 6.14 39.46
C ILE B 285 18.30 7.07 40.66
N ARG B 286 17.80 8.29 40.52
CA ARG B 286 17.98 9.31 41.54
C ARG B 286 17.10 9.09 42.76
N GLU B 287 15.88 8.62 42.57
CA GLU B 287 14.92 8.50 43.67
C GLU B 287 14.82 7.06 44.15
N HIS B 288 14.33 6.90 45.38
CA HIS B 288 14.31 5.60 46.03
C HIS B 288 13.25 4.67 45.44
N TRP B 289 12.22 5.22 44.80
CA TRP B 289 11.25 4.36 44.12
C TRP B 289 11.89 3.53 43.03
N GLY B 290 13.08 3.93 42.55
CA GLY B 290 13.80 3.16 41.58
C GLY B 290 14.81 2.21 42.19
N THR B 291 15.38 2.55 43.34
CA THR B 291 16.33 1.67 44.00
C THR B 291 15.68 0.34 44.39
N THR B 292 14.39 0.36 44.71
CA THR B 292 13.68 -0.90 44.91
C THR B 292 13.37 -1.59 43.57
N LEU B 293 13.11 -0.81 42.52
CA LEU B 293 12.77 -1.42 41.24
C LEU B 293 13.97 -2.14 40.62
N ARG B 294 15.17 -1.56 40.74
CA ARG B 294 16.35 -2.31 40.31
C ARG B 294 16.41 -3.65 41.02
N GLU B 295 16.11 -3.67 42.32
CA GLU B 295 16.01 -4.94 43.04
C GLU B 295 14.99 -5.86 42.38
N GLU B 296 13.77 -5.35 42.14
CA GLU B 296 12.69 -6.18 41.60
C GLU B 296 13.01 -6.69 40.19
N ILE B 297 13.74 -5.92 39.39
CA ILE B 297 14.11 -6.36 38.05
C ILE B 297 15.10 -7.51 38.12
N ILE B 298 16.14 -7.36 38.96
CA ILE B 298 17.10 -8.44 39.17
C ILE B 298 16.54 -9.52 40.09
N ALA B 299 15.60 -9.17 40.98
CA ALA B 299 14.92 -10.22 41.76
C ALA B 299 13.95 -11.00 40.89
N SER B 300 13.41 -10.38 39.85
CA SER B 300 12.68 -11.14 38.85
C SER B 300 13.63 -11.98 38.01
N GLY B 301 14.72 -11.37 37.53
CA GLY B 301 15.65 -12.05 36.66
C GLY B 301 15.26 -12.07 35.19
N ALA B 302 14.11 -11.50 34.83
CA ALA B 302 13.71 -11.40 33.44
C ALA B 302 14.47 -10.28 32.74
N THR B 303 14.72 -10.48 31.45
CA THR B 303 15.33 -9.43 30.64
C THR B 303 14.27 -8.38 30.34
N VAL B 304 14.51 -7.15 30.77
CA VAL B 304 13.59 -6.06 30.50
C VAL B 304 14.08 -5.32 29.28
N VAL B 305 13.21 -5.18 28.29
CA VAL B 305 13.50 -4.43 27.09
C VAL B 305 12.82 -3.08 27.20
N ILE B 306 13.60 -2.02 27.08
CA ILE B 306 13.12 -0.66 27.25
C ILE B 306 12.96 -0.03 25.88
N ARG B 307 11.77 0.46 25.56
CA ARG B 307 11.60 1.22 24.32
C ARG B 307 11.41 2.69 24.63
N PRO B 308 12.37 3.54 24.29
CA PRO B 308 12.14 4.98 24.39
C PRO B 308 11.10 5.43 23.37
N ASP B 309 10.31 6.43 23.78
CA ASP B 309 9.24 6.94 22.92
C ASP B 309 9.38 8.43 22.62
N SER B 310 10.52 9.04 22.93
CA SER B 310 10.75 10.44 22.56
C SER B 310 12.25 10.72 22.57
N GLY B 311 12.62 11.83 21.94
CA GLY B 311 13.99 12.23 21.83
C GLY B 311 14.61 11.85 20.49
N ASP B 312 15.77 12.44 20.24
CA ASP B 312 16.52 12.13 19.03
C ASP B 312 16.89 10.64 19.03
N PRO B 313 16.73 9.94 17.92
CA PRO B 313 16.95 8.48 17.96
C PRO B 313 18.36 8.11 18.34
N VAL B 314 19.37 8.82 17.82
CA VAL B 314 20.75 8.46 18.15
C VAL B 314 21.07 8.79 19.60
N ASP B 315 20.70 9.99 20.05
CA ASP B 315 21.07 10.44 21.38
C ASP B 315 20.36 9.64 22.45
N VAL B 316 19.07 9.37 22.28
CA VAL B 316 18.34 8.70 23.35
C VAL B 316 18.83 7.26 23.55
N VAL B 317 19.30 6.60 22.49
CA VAL B 317 19.79 5.23 22.67
C VAL B 317 21.09 5.25 23.46
N GLU B 318 22.04 6.11 23.08
CA GLU B 318 23.30 6.17 23.81
C GLU B 318 23.06 6.52 25.27
N GLN B 319 22.19 7.49 25.52
CA GLN B 319 21.93 7.93 26.89
C GLN B 319 21.26 6.83 27.71
N CYS B 320 20.27 6.14 27.14
CA CYS B 320 19.66 5.01 27.86
C CYS B 320 20.69 3.94 28.19
N LEU B 321 21.61 3.68 27.26
CA LEU B 321 22.62 2.65 27.51
C LEU B 321 23.56 3.05 28.64
N LEU B 322 24.08 4.29 28.60
CA LEU B 322 24.96 4.75 29.66
C LEU B 322 24.24 4.77 31.01
N LEU B 323 22.97 5.17 31.03
CA LEU B 323 22.22 5.19 32.28
C LEU B 323 21.94 3.77 32.77
N LEU B 324 21.57 2.86 31.86
CA LEU B 324 21.34 1.49 32.28
C LEU B 324 22.64 0.82 32.72
N ASP B 325 23.77 1.18 32.09
CA ASP B 325 25.06 0.70 32.55
C ASP B 325 25.31 1.10 33.99
N GLU B 326 25.03 2.35 34.34
CA GLU B 326 25.21 2.78 35.72
C GLU B 326 24.32 1.98 36.66
N ALA B 327 23.09 1.70 36.23
CA ALA B 327 22.12 1.08 37.11
C ALA B 327 22.32 -0.42 37.24
N PHE B 328 22.78 -1.09 36.18
CA PHE B 328 22.84 -2.55 36.19
C PHE B 328 24.22 -3.12 35.92
N GLY B 329 25.20 -2.31 35.53
CA GLY B 329 26.52 -2.82 35.22
C GLY B 329 26.54 -3.62 33.93
N HIS B 330 27.71 -4.18 33.64
CA HIS B 330 27.92 -4.86 32.38
C HIS B 330 29.00 -5.92 32.52
N GLN B 331 29.13 -6.73 31.47
CA GLN B 331 30.26 -7.63 31.27
C GLN B 331 30.96 -7.22 29.98
N VAL B 332 32.25 -7.48 29.90
CA VAL B 332 33.03 -7.14 28.71
C VAL B 332 33.22 -8.42 27.89
N ASN B 333 32.83 -8.37 26.62
CA ASN B 333 32.78 -9.58 25.82
C ASN B 333 34.13 -9.83 25.16
N GLY B 334 34.22 -10.93 24.41
CA GLY B 334 35.48 -11.33 23.80
C GLY B 334 36.04 -10.34 22.79
N LYS B 335 35.20 -9.49 22.21
CA LYS B 335 35.71 -8.49 21.29
C LYS B 335 36.01 -7.16 21.98
N GLY B 336 35.83 -7.10 23.30
CA GLY B 336 36.17 -5.90 24.05
C GLY B 336 35.06 -4.88 24.22
N TYR B 337 33.80 -5.24 23.96
CA TYR B 337 32.69 -4.31 24.07
C TYR B 337 31.80 -4.70 25.23
N LYS B 338 31.10 -3.70 25.77
CA LYS B 338 30.25 -3.90 26.95
C LYS B 338 28.89 -4.48 26.57
N VAL B 339 28.44 -5.42 27.38
CA VAL B 339 27.12 -6.02 27.26
C VAL B 339 26.42 -5.81 28.59
N LEU B 340 25.31 -5.07 28.58
CA LEU B 340 24.60 -4.78 29.81
C LEU B 340 24.07 -6.06 30.45
N ASN B 341 23.92 -6.02 31.78
CA ASN B 341 23.23 -7.07 32.53
C ASN B 341 21.73 -6.77 32.58
N HIS B 342 20.92 -7.80 32.39
CA HIS B 342 19.47 -7.77 32.64
C HIS B 342 18.64 -6.92 31.69
N VAL B 343 19.24 -6.00 30.93
CA VAL B 343 18.45 -5.02 30.19
C VAL B 343 18.93 -4.89 28.75
N ARG B 344 17.97 -4.59 27.87
CA ARG B 344 18.22 -4.27 26.48
C ARG B 344 17.34 -3.09 26.08
N VAL B 345 17.68 -2.47 24.95
CA VAL B 345 16.98 -1.29 24.45
C VAL B 345 16.52 -1.60 23.04
N ILE B 346 15.25 -1.32 22.74
CA ILE B 346 14.78 -1.34 21.36
C ILE B 346 14.33 0.06 20.98
N GLN B 347 14.87 0.57 19.88
CA GLN B 347 14.50 1.87 19.36
C GLN B 347 13.54 1.68 18.20
N GLY B 348 12.29 2.10 18.38
CA GLY B 348 11.26 1.95 17.38
C GLY B 348 10.73 3.22 16.76
N ASP B 349 11.33 4.38 17.03
CA ASP B 349 10.91 5.64 16.41
C ASP B 349 12.02 6.19 15.54
N GLY B 350 11.65 6.72 14.38
CA GLY B 350 12.60 7.43 13.55
C GLY B 350 13.67 6.56 12.94
N ILE B 351 13.38 5.29 12.70
CA ILE B 351 14.38 4.36 12.18
C ILE B 351 14.30 4.29 10.67
N ASN B 352 15.45 4.36 10.02
CA ASN B 352 15.65 4.02 8.63
C ASN B 352 17.11 3.63 8.47
N PRO B 353 17.51 3.09 7.30
CA PRO B 353 18.92 2.75 7.10
C PRO B 353 19.91 3.79 7.60
N GLN B 354 19.56 5.07 7.44
CA GLN B 354 20.49 6.16 7.77
C GLN B 354 20.61 6.32 9.29
N SER B 355 19.48 6.47 9.98
CA SER B 355 19.52 6.65 11.41
C SER B 355 19.84 5.36 12.16
N LEU B 356 19.54 4.20 11.58
CA LEU B 356 19.96 2.93 12.20
C LEU B 356 21.48 2.80 12.18
N ARG B 357 22.11 3.15 11.07
CA ARG B 357 23.57 3.15 11.04
C ARG B 357 24.16 4.17 12.02
N ALA B 358 23.49 5.31 12.18
CA ALA B 358 24.03 6.33 13.06
C ALA B 358 23.97 5.88 14.52
N ILE B 359 22.89 5.20 14.90
CA ILE B 359 22.78 4.70 16.28
C ILE B 359 23.90 3.72 16.55
N LEU B 360 24.10 2.77 15.64
CA LEU B 360 25.14 1.75 15.80
C LEU B 360 26.54 2.37 15.85
N GLU B 361 26.80 3.36 14.98
CA GLU B 361 28.11 4.02 15.02
C GLU B 361 28.35 4.69 16.36
N ARG B 362 27.32 5.31 16.93
CA ARG B 362 27.46 6.03 18.18
C ARG B 362 27.68 5.07 19.35
N ILE B 363 26.85 4.03 19.45
CA ILE B 363 26.95 3.21 20.66
C ILE B 363 28.21 2.38 20.63
N THR B 364 28.66 1.94 19.45
CA THR B 364 29.89 1.16 19.40
C THR B 364 31.11 2.05 19.61
N ALA B 365 31.08 3.29 19.14
CA ALA B 365 32.14 4.22 19.52
C ALA B 365 32.13 4.48 21.02
N ALA B 366 30.96 4.43 21.64
CA ALA B 366 30.86 4.56 23.09
C ALA B 366 31.30 3.29 23.83
N GLY B 367 31.66 2.23 23.11
CA GLY B 367 32.13 1.00 23.74
C GLY B 367 31.09 -0.05 24.03
N TYR B 368 29.87 0.08 23.48
CA TYR B 368 28.79 -0.86 23.75
C TYR B 368 28.62 -1.81 22.57
N ALA B 369 28.47 -3.10 22.87
CA ALA B 369 28.22 -4.10 21.84
C ALA B 369 26.88 -3.84 21.16
N ALA B 370 26.80 -4.19 19.86
CA ALA B 370 25.53 -4.12 19.14
C ALA B 370 24.48 -5.09 19.70
N ASP B 371 24.91 -6.07 20.50
CA ASP B 371 23.98 -6.95 21.20
C ASP B 371 22.96 -6.18 22.04
N ASN B 372 23.33 -4.99 22.52
CA ASN B 372 22.52 -4.30 23.51
C ASN B 372 21.23 -3.73 22.95
N VAL B 373 21.17 -3.50 21.63
CA VAL B 373 20.09 -2.72 21.05
C VAL B 373 19.43 -3.49 19.92
N ALA B 374 18.13 -3.26 19.74
CA ALA B 374 17.35 -3.75 18.63
C ALA B 374 16.53 -2.59 18.08
N PHE B 375 15.93 -2.79 16.91
CA PHE B 375 15.25 -1.71 16.20
C PHE B 375 13.86 -2.14 15.76
N GLY B 376 12.96 -1.17 15.70
CA GLY B 376 11.62 -1.38 15.18
C GLY B 376 11.36 -0.42 14.04
N MET B 377 10.67 -0.91 13.01
CA MET B 377 10.18 -0.07 11.92
C MET B 377 8.72 -0.39 11.69
N GLY B 378 7.94 0.65 11.39
CA GLY B 378 6.53 0.48 11.11
C GLY B 378 6.20 0.87 9.68
N GLY B 379 5.61 2.05 9.49
CA GLY B 379 5.28 2.49 8.16
C GLY B 379 6.51 2.70 7.29
N ALA B 380 7.64 3.04 7.90
CA ALA B 380 8.87 3.21 7.14
C ALA B 380 9.26 1.91 6.43
N LEU B 381 8.81 0.77 6.95
CA LEU B 381 9.10 -0.53 6.33
C LEU B 381 7.98 -0.97 5.40
N LEU B 382 6.73 -0.90 5.84
CA LEU B 382 5.63 -1.50 5.08
C LEU B 382 4.92 -0.53 4.15
N GLN B 383 5.05 0.77 4.35
CA GLN B 383 4.23 1.70 3.60
C GLN B 383 5.04 2.71 2.80
N LYS B 384 6.17 3.17 3.33
CA LYS B 384 6.95 4.23 2.69
C LYS B 384 7.89 3.66 1.64
N VAL B 385 7.34 2.83 0.77
CA VAL B 385 8.01 2.36 -0.42
C VAL B 385 7.02 2.52 -1.57
N ASP B 386 7.53 2.55 -2.79
CA ASP B 386 6.66 2.62 -3.96
C ASP B 386 7.37 1.95 -5.13
N ARG B 387 6.67 1.87 -6.27
CA ARG B 387 7.22 1.16 -7.42
C ARG B 387 8.46 1.85 -7.98
N ASP B 388 8.66 3.12 -7.65
CA ASP B 388 9.86 3.84 -8.08
C ASP B 388 11.05 3.60 -7.18
N THR B 389 10.84 3.10 -5.95
CA THR B 389 11.97 2.87 -5.05
C THR B 389 13.06 2.05 -5.73
N GLN B 390 12.67 0.93 -6.36
CA GLN B 390 13.59 0.14 -7.16
C GLN B 390 13.21 0.15 -8.65
N LYS B 391 12.52 1.20 -9.11
CA LYS B 391 12.30 1.45 -10.54
C LYS B 391 11.84 0.19 -11.27
N PHE B 392 10.83 -0.45 -10.71
CA PHE B 392 10.42 -1.78 -11.13
C PHE B 392 9.64 -1.71 -12.43
N ALA B 393 9.95 -2.62 -13.36
CA ALA B 393 9.37 -2.55 -14.70
C ALA B 393 9.07 -3.95 -15.21
N LEU B 394 8.00 -4.03 -16.00
CA LEU B 394 7.64 -5.24 -16.73
C LEU B 394 7.57 -4.84 -18.20
N LYS B 395 8.35 -5.52 -19.06
CA LYS B 395 8.56 -5.06 -20.44
C LYS B 395 8.37 -6.20 -21.42
N CYS B 396 7.72 -5.92 -22.56
CA CYS B 396 7.68 -6.89 -23.65
C CYS B 396 9.02 -6.87 -24.38
N SER B 397 9.64 -8.03 -24.52
CA SER B 397 10.95 -8.08 -25.16
C SER B 397 10.94 -8.83 -26.48
N ALA B 398 9.87 -9.55 -26.81
CA ALA B 398 9.79 -10.23 -28.09
C ALA B 398 8.34 -10.64 -28.35
N VAL B 399 7.98 -10.67 -29.64
CA VAL B 399 6.73 -11.26 -30.10
C VAL B 399 7.02 -12.15 -31.29
N ARG B 400 6.14 -13.13 -31.53
CA ARG B 400 6.21 -13.99 -32.70
C ARG B 400 5.09 -13.60 -33.67
N VAL B 401 5.48 -13.27 -34.89
CA VAL B 401 4.55 -12.83 -35.93
C VAL B 401 4.80 -13.69 -37.16
N ASP B 402 3.75 -14.35 -37.64
CA ASP B 402 3.83 -15.20 -38.83
C ASP B 402 4.94 -16.24 -38.67
N GLY B 403 4.98 -16.87 -37.49
CA GLY B 403 5.93 -17.93 -37.17
C GLY B 403 7.31 -17.47 -36.77
N ALA B 404 7.64 -16.19 -36.91
CA ALA B 404 9.00 -15.70 -36.67
C ALA B 404 9.06 -14.83 -35.41
N TRP B 405 10.03 -15.13 -34.54
CA TRP B 405 10.28 -14.28 -33.37
C TRP B 405 10.97 -12.99 -33.80
N ILE B 406 10.54 -11.87 -33.23
CA ILE B 406 11.21 -10.60 -33.46
C ILE B 406 11.45 -9.93 -32.11
N ASP B 407 12.57 -9.20 -32.02
CA ASP B 407 12.89 -8.43 -30.83
C ASP B 407 11.95 -7.22 -30.71
N VAL B 408 11.64 -6.85 -29.47
CA VAL B 408 10.80 -5.68 -29.17
C VAL B 408 11.54 -4.78 -28.19
N TYR B 409 11.65 -3.50 -28.50
CA TYR B 409 12.38 -2.58 -27.64
C TYR B 409 12.11 -1.13 -28.05
N LYS B 410 12.36 -0.21 -27.12
CA LYS B 410 12.12 1.22 -27.32
C LYS B 410 13.29 1.89 -28.03
N ASP B 411 14.40 2.13 -27.29
CA ASP B 411 15.67 2.78 -27.63
C ASP B 411 16.75 1.72 -27.78
N PRO B 412 17.57 1.76 -28.83
CA PRO B 412 18.49 0.64 -29.10
C PRO B 412 19.64 0.47 -28.09
N ILE B 413 19.97 1.47 -27.27
CA ILE B 413 21.17 1.42 -26.43
C ILE B 413 20.88 1.89 -25.01
N THR B 414 21.58 1.29 -24.04
CA THR B 414 21.53 1.71 -22.63
C THR B 414 22.22 3.07 -22.46
N GLN B 419 22.82 -3.24 -26.92
CA GLN B 419 23.04 -2.92 -25.52
C GLN B 419 21.77 -2.99 -24.67
N SER B 420 20.63 -2.70 -25.28
CA SER B 420 19.37 -2.74 -24.57
C SER B 420 18.76 -4.13 -24.67
N LYS B 421 18.20 -4.60 -23.54
CA LYS B 421 17.70 -5.95 -23.44
C LYS B 421 16.52 -6.20 -24.37
N ARG B 422 16.54 -7.36 -25.02
CA ARG B 422 15.54 -7.69 -26.02
C ARG B 422 15.63 -9.19 -26.30
N GLY B 423 14.58 -9.72 -26.93
CA GLY B 423 14.53 -11.11 -27.27
C GLY B 423 14.03 -11.95 -26.11
N ARG B 424 14.11 -13.27 -26.29
CA ARG B 424 13.72 -14.19 -25.23
C ARG B 424 14.90 -14.38 -24.29
N LEU B 425 14.71 -14.05 -23.01
CA LEU B 425 15.80 -13.82 -22.08
C LEU B 425 15.75 -14.78 -20.90
N THR B 426 16.88 -14.85 -20.21
CA THR B 426 16.94 -15.54 -18.93
C THR B 426 18.02 -14.88 -18.10
N LEU B 427 18.23 -15.44 -16.91
CA LEU B 427 19.25 -15.02 -15.97
C LEU B 427 20.21 -16.19 -15.78
N LEU B 428 21.51 -15.88 -15.77
CA LEU B 428 22.57 -16.87 -15.58
C LEU B 428 23.31 -16.58 -14.28
N ARG B 429 23.82 -17.64 -13.64
CA ARG B 429 24.70 -17.50 -12.49
C ARG B 429 26.03 -18.18 -12.81
N ASP B 430 27.13 -17.44 -12.69
CA ASP B 430 28.45 -18.01 -12.95
C ASP B 430 28.78 -19.06 -11.89
N ARG B 431 29.17 -20.26 -12.34
CA ARG B 431 29.38 -21.36 -11.41
C ARG B 431 30.53 -21.08 -10.44
N ALA B 432 31.58 -20.41 -10.91
CA ALA B 432 32.76 -20.22 -10.06
C ALA B 432 32.57 -19.10 -9.05
N THR B 433 31.99 -17.97 -9.48
CA THR B 433 31.91 -16.77 -8.64
C THR B 433 30.53 -16.52 -8.04
N GLY B 434 29.47 -17.09 -8.60
CA GLY B 434 28.12 -16.80 -8.17
C GLY B 434 27.52 -15.52 -8.74
N GLN B 435 28.23 -14.83 -9.63
CA GLN B 435 27.76 -13.55 -10.14
C GLN B 435 26.69 -13.77 -11.20
N TYR B 436 25.69 -12.90 -11.19
CA TYR B 436 24.54 -12.98 -12.07
C TYR B 436 24.75 -12.15 -13.32
N ARG B 437 24.12 -12.57 -14.42
CA ARG B 437 24.04 -11.73 -15.61
C ARG B 437 22.83 -12.18 -16.42
N SER B 438 22.29 -11.25 -17.22
CA SER B 438 21.18 -11.55 -18.08
C SER B 438 21.68 -11.99 -19.45
N ALA B 439 20.93 -12.87 -20.11
CA ALA B 439 21.40 -13.40 -21.38
C ALA B 439 20.24 -13.89 -22.22
N LEU B 440 20.50 -14.09 -23.50
CA LEU B 440 19.54 -14.77 -24.35
C LEU B 440 19.49 -16.25 -24.01
N LEU B 441 18.32 -16.85 -24.26
CA LEU B 441 18.17 -18.29 -24.05
C LEU B 441 19.16 -19.09 -24.92
N ASP B 442 19.57 -18.52 -26.06
CA ASP B 442 20.58 -19.14 -26.93
C ASP B 442 21.82 -19.57 -26.16
N GLU B 443 22.19 -18.84 -25.12
CA GLU B 443 23.53 -18.87 -24.59
C GLU B 443 23.63 -19.69 -23.32
N VAL B 444 22.54 -20.30 -22.86
CA VAL B 444 22.64 -21.25 -21.75
C VAL B 444 23.42 -22.49 -22.18
N ALA B 445 23.20 -22.97 -23.41
CA ALA B 445 23.93 -24.14 -23.89
C ALA B 445 25.38 -23.82 -24.15
N THR B 446 25.66 -22.70 -24.82
CA THR B 446 27.03 -22.38 -25.20
C THR B 446 27.92 -22.02 -24.02
N HIS B 447 27.33 -21.65 -22.88
CA HIS B 447 28.10 -21.33 -21.68
C HIS B 447 27.81 -22.32 -20.56
N ALA B 448 27.38 -23.54 -20.91
CA ALA B 448 26.98 -24.50 -19.89
C ALA B 448 28.14 -24.91 -18.99
N GLY B 449 29.39 -24.81 -19.46
CA GLY B 449 30.51 -25.19 -18.63
C GLY B 449 30.79 -24.21 -17.51
N ASP B 450 30.50 -22.93 -17.73
CA ASP B 450 30.85 -21.89 -16.76
C ASP B 450 29.65 -21.31 -16.02
N SER B 451 28.43 -21.66 -16.40
CA SER B 451 27.24 -20.95 -15.93
C SER B 451 26.05 -21.90 -15.86
N ASP B 452 25.12 -21.59 -14.96
CA ASP B 452 23.84 -22.27 -14.89
C ASP B 452 22.71 -21.28 -15.14
N ASP B 453 21.64 -21.75 -15.76
CA ASP B 453 20.43 -20.94 -15.84
C ASP B 453 19.87 -20.78 -14.43
N ALA B 454 19.80 -19.52 -13.98
CA ALA B 454 19.43 -19.22 -12.60
C ALA B 454 17.93 -19.09 -12.39
N LEU B 455 17.11 -18.97 -13.45
CA LEU B 455 15.67 -19.01 -13.23
C LEU B 455 15.19 -20.45 -13.13
N VAL B 456 14.02 -20.63 -12.51
CA VAL B 456 13.32 -21.89 -12.48
C VAL B 456 11.91 -21.63 -12.98
N THR B 457 11.28 -22.65 -13.56
CA THR B 457 9.90 -22.51 -13.98
C THR B 457 9.00 -22.70 -12.76
N VAL B 458 8.31 -21.63 -12.35
CA VAL B 458 7.48 -21.68 -11.16
C VAL B 458 6.01 -21.92 -11.46
N TRP B 459 5.58 -21.75 -12.70
CA TRP B 459 4.16 -21.79 -13.03
C TRP B 459 4.00 -22.02 -14.52
N GLU B 460 3.15 -22.96 -14.92
CA GLU B 460 2.91 -23.21 -16.33
C GLU B 460 1.52 -23.78 -16.52
N ASN B 461 0.71 -23.13 -17.37
CA ASN B 461 -0.58 -23.69 -17.81
C ASN B 461 -1.45 -24.12 -16.63
N GLY B 462 -1.54 -23.27 -15.62
CA GLY B 462 -2.46 -23.51 -14.53
C GLY B 462 -1.87 -24.24 -13.34
N GLN B 463 -0.63 -24.72 -13.43
CA GLN B 463 -0.02 -25.49 -12.35
C GLN B 463 1.20 -24.75 -11.80
N MET B 464 1.27 -24.63 -10.49
CA MET B 464 2.48 -24.13 -9.84
C MET B 464 3.49 -25.27 -9.79
N LEU B 465 4.68 -25.03 -10.35
CA LEU B 465 5.73 -26.05 -10.36
C LEU B 465 6.68 -25.83 -9.19
N ARG B 466 7.79 -25.12 -9.38
CA ARG B 466 8.71 -24.92 -8.24
C ARG B 466 8.07 -24.03 -7.19
N GLU B 467 8.17 -24.47 -5.92
CA GLU B 467 7.50 -23.86 -4.77
C GLU B 467 8.45 -23.90 -3.58
N TRP B 468 8.40 -22.87 -2.74
CA TRP B 468 9.34 -22.73 -1.63
C TRP B 468 8.63 -22.67 -0.29
N THR B 469 9.28 -23.21 0.74
CA THR B 469 8.95 -22.84 2.11
C THR B 469 9.60 -21.50 2.43
N LEU B 470 9.10 -20.85 3.49
CA LEU B 470 9.76 -19.63 3.92
C LEU B 470 11.17 -19.90 4.41
N GLU B 471 11.40 -21.08 5.00
CA GLU B 471 12.75 -21.34 5.50
C GLU B 471 13.74 -21.44 4.34
N GLN B 472 13.33 -22.01 3.21
CA GLN B 472 14.18 -21.98 2.01
C GLN B 472 14.44 -20.56 1.52
N VAL B 473 13.39 -19.71 1.50
CA VAL B 473 13.58 -18.32 1.09
C VAL B 473 14.58 -17.64 2.02
N ARG B 474 14.43 -17.88 3.33
CA ARG B 474 15.35 -17.29 4.30
C ARG B 474 16.78 -17.76 4.07
N ALA B 475 16.94 -19.03 3.72
CA ALA B 475 18.29 -19.54 3.45
C ALA B 475 18.94 -18.80 2.29
N HIS B 476 18.20 -18.60 1.19
CA HIS B 476 18.79 -17.90 0.06
C HIS B 476 19.17 -16.48 0.44
N ALA B 477 18.28 -15.79 1.16
CA ALA B 477 18.54 -14.41 1.54
C ALA B 477 19.71 -14.31 2.51
N ASP B 478 19.79 -15.26 3.46
CA ASP B 478 20.83 -15.20 4.47
C ASP B 478 22.22 -15.44 3.86
N ALA B 479 22.31 -16.32 2.86
CA ALA B 479 23.60 -16.58 2.22
C ALA B 479 24.13 -15.37 1.47
N ALA B 480 23.24 -14.49 0.97
CA ALA B 480 23.73 -13.39 0.14
C ALA B 480 24.31 -12.30 1.03
N ARG B 481 25.36 -11.65 0.55
CA ARG B 481 26.03 -10.59 1.31
C ARG B 481 26.35 -9.43 0.39
N LEU B 482 26.70 -8.28 0.97
CA LEU B 482 27.11 -7.13 0.18
C LEU B 482 28.50 -7.29 -0.43
N1 NCA C . -0.73 3.24 -17.37
C2 NCA C . -1.49 3.64 -18.42
C3 NCA C . -2.84 3.39 -18.44
C4 NCA C . -3.42 2.73 -17.40
C5 NCA C . -2.66 2.34 -16.34
C6 NCA C . -1.30 2.59 -16.33
C7 NCA C . -3.72 3.83 -19.62
O7 NCA C . -3.24 4.38 -20.58
N7 NCA C . -5.15 3.54 -19.58
N1 NCA D . -7.99 7.32 -19.93
C2 NCA D . -8.54 8.56 -19.91
C3 NCA D . -7.96 9.58 -20.64
C4 NCA D . -6.85 9.29 -21.39
C5 NCA D . -6.31 8.06 -21.40
C6 NCA D . -6.88 7.04 -20.68
C7 NCA D . -8.54 11.01 -20.64
O7 NCA D . -8.11 11.81 -21.41
N7 NCA D . -9.59 11.41 -19.72
#